data_8VEW
#
_entry.id   8VEW
#
_cell.length_a   100.560
_cell.length_b   137.732
_cell.length_c   177.676
_cell.angle_alpha   90.00
_cell.angle_beta   90.00
_cell.angle_gamma   90.00
#
_symmetry.space_group_name_H-M   'I 2 2 2'
#
loop_
_entity.id
_entity.type
_entity.pdbx_description
1 polymer 'Protein arginine N-methyltransferase 5'
2 polymer 'Methylosome protein 50'
3 non-polymer "5'-DEOXY-5'-METHYLTHIOADENOSINE"
4 non-polymer 5-{2-[(2R,5S)-5-methyl-2-phenylpiperidin-1-yl](oxo)acetamido}pyridine-3-carboxamide
5 non-polymer GLYCEROL
6 non-polymer 'CHLORIDE ION'
7 water water
#
loop_
_entity_poly.entity_id
_entity_poly.type
_entity_poly.pdbx_seq_one_letter_code
_entity_poly.pdbx_strand_id
1 'polypeptide(L)'
;MDYKDDDDKAAMAVGGAGGSRVSSGRDLNCVPEIADTLGAVAKQGFDFLCMPVFHPRFKREFIQEPAKNRPGPQTRSDLL
LSGRDWNTLIVGKLSPWIRPDSKVEKIRRNSEAAMLQELNFGAYLGLPAFLLPLNQEDNTNLARVLTNHIHTGHHSSMFW
MRVPLVAPEDLRDDIIENAPTTHTEEYSGEEKTWMWWHNFRTLCDYSKRIAVALEIGADLPSNHVIDRWLGEPIKAAILP
TSIFLTNKKGFPVLSKMHQRLIFRLLKLEVQFIITGTNHHSEKEFCSYLQYLEYLSQNRPPPNAYELFAKGYEDYLQSPL
QPLMDNLESQTYEVFEKDPIKYSQYQQAIYKCLLDRVPEEEKDTNVQVLMVLGAGRGPLVNASLRAAKQADRRIKLYAVE
KNPNAVVTLENWQFEEWGSQVTVVSSDMREWVAPEKADIIVSELLGSFADNELSPECLDGAQHFLKDDGVSIPGEYTSFL
APISSSKLYNEVRACREKDRDPEAQFEMPYVVRLHNFHQLSAPQPCFTFSHPNRDPMIDNNRYCTLEFPVEVNTVLHGFA
GYFETVLYQDITLSIRPETHSPGMFSWFPILFPIKQPITVREGQTICVRFWRCSNSKKVWYEWAVTAPVCSAIHNPTGRS
YTIGL
;
A
2 'polypeptide(L)'
;MHHHHHHHHRKETPPPLVPPAAREWNLPPNAPACMERQLEAARYRSDGALLLGASSLSGRCWAGSLWLFKDPCAAPNEGF
CSAGVQTEAGVADLTWVGERGILVASDSGAVELWELDENETLIVSKFCKYEHDDIVSTVSVLSSGTQAVSGSKDICIKVW
DLAQQVVLSSYRAHAAQVTCVAASPHKDSVFLSCSEDNRILLWDTRCPKPASQIGCSAPGYLPTSLAWHPQQSEVFVFGD
ENGTVSLVDTKSTSCVLSSAVHSQCVTGLVFSPHSVPFLASLSEDCSLAVLDSSLSELFRSQAHRDFVRDATWSPLNHSL
LTTVGWDHQVVHHVVPTEPLPAPGPASVTE
;
B
#
# COMPACT_ATOMS: atom_id res chain seq x y z
N ARG A 21 4.63 -17.46 -10.36
CA ARG A 21 4.86 -17.44 -8.89
C ARG A 21 5.24 -16.03 -8.44
N VAL A 22 5.48 -15.84 -7.13
CA VAL A 22 5.44 -14.52 -6.43
C VAL A 22 6.77 -13.76 -6.58
N SER A 23 6.68 -12.49 -6.97
CA SER A 23 7.75 -11.46 -6.85
C SER A 23 7.70 -10.90 -5.44
N SER A 24 8.71 -11.19 -4.61
CA SER A 24 8.68 -11.03 -3.14
C SER A 24 10.04 -10.56 -2.63
N GLY A 25 10.04 -9.60 -1.70
CA GLY A 25 11.26 -9.00 -1.12
C GLY A 25 11.28 -9.13 0.39
N ARG A 26 12.40 -8.74 1.02
CA ARG A 26 12.61 -8.77 2.50
C ARG A 26 12.73 -7.33 3.01
N ASP A 27 12.01 -7.02 4.10
CA ASP A 27 12.16 -5.74 4.84
C ASP A 27 13.07 -5.99 6.05
N LEU A 28 14.21 -5.31 6.10
CA LEU A 28 15.12 -5.29 7.28
C LEU A 28 15.29 -3.83 7.74
N ASN A 29 15.53 -3.62 9.03
CA ASN A 29 15.89 -2.30 9.61
C ASN A 29 17.31 -2.41 10.19
N CYS A 30 18.00 -3.52 9.91
CA CYS A 30 19.38 -3.82 10.39
C CYS A 30 20.19 -4.46 9.25
N VAL A 31 21.26 -3.79 8.84
CA VAL A 31 22.16 -4.24 7.72
C VAL A 31 23.60 -3.95 8.14
N PRO A 32 24.30 -4.94 8.75
CA PRO A 32 25.67 -4.72 9.23
C PRO A 32 26.61 -4.59 8.03
N GLU A 33 26.54 -5.56 7.10
CA GLU A 33 27.36 -5.61 5.86
C GLU A 33 26.44 -5.87 4.66
N ILE A 34 26.16 -4.82 3.89
CA ILE A 34 25.20 -4.80 2.74
C ILE A 34 25.50 -5.94 1.76
N ALA A 35 26.76 -6.27 1.55
CA ALA A 35 27.24 -7.34 0.63
C ALA A 35 26.75 -8.70 1.14
N ASP A 36 26.94 -8.99 2.44
CA ASP A 36 26.50 -10.24 3.12
C ASP A 36 24.98 -10.34 3.18
N THR A 37 24.36 -9.32 3.79
CA THR A 37 22.89 -9.20 4.02
C THR A 37 22.15 -9.47 2.70
N LEU A 38 22.57 -8.81 1.60
CA LEU A 38 21.95 -9.01 0.26
C LEU A 38 22.19 -10.45 -0.18
N GLY A 39 23.42 -10.95 -0.01
CA GLY A 39 23.80 -12.35 -0.30
C GLY A 39 22.85 -13.32 0.39
N ALA A 40 22.56 -13.09 1.67
CA ALA A 40 21.67 -13.92 2.51
C ALA A 40 20.28 -13.97 1.88
N VAL A 41 19.66 -12.82 1.64
CA VAL A 41 18.22 -12.72 1.25
C VAL A 41 18.02 -13.36 -0.14
N ALA A 42 19.03 -13.29 -1.01
CA ALA A 42 18.96 -13.82 -2.39
C ALA A 42 18.94 -15.36 -2.36
N LYS A 43 19.69 -15.96 -1.42
CA LYS A 43 19.78 -17.42 -1.19
C LYS A 43 18.49 -17.93 -0.53
N GLN A 44 17.91 -17.12 0.36
CA GLN A 44 16.60 -17.39 1.04
C GLN A 44 15.47 -17.44 0.00
N GLY A 45 15.62 -16.74 -1.14
CA GLY A 45 14.70 -16.84 -2.29
C GLY A 45 14.05 -15.50 -2.66
N PHE A 46 14.43 -14.41 -2.00
CA PHE A 46 13.83 -13.06 -2.20
C PHE A 46 14.30 -12.46 -3.53
N ASP A 47 13.50 -11.58 -4.13
CA ASP A 47 13.76 -10.90 -5.44
C ASP A 47 14.35 -9.51 -5.20
N PHE A 48 14.16 -8.93 -4.02
CA PHE A 48 14.73 -7.59 -3.64
C PHE A 48 14.78 -7.42 -2.12
N LEU A 49 15.44 -6.36 -1.68
CA LEU A 49 15.65 -6.02 -0.24
C LEU A 49 15.18 -4.58 -0.01
N CYS A 50 14.32 -4.36 0.99
CA CYS A 50 14.03 -3.02 1.55
C CYS A 50 14.94 -2.78 2.76
N MET A 51 15.74 -1.72 2.75
CA MET A 51 16.77 -1.44 3.79
C MET A 51 16.99 0.07 3.91
N PRO A 52 17.55 0.56 5.03
CA PRO A 52 17.80 1.98 5.20
C PRO A 52 19.07 2.36 4.43
N VAL A 53 19.12 3.61 3.96
CA VAL A 53 20.23 4.10 3.10
C VAL A 53 21.22 4.86 3.99
N PHE A 54 20.71 5.43 5.09
CA PHE A 54 21.46 5.88 6.29
C PHE A 54 21.03 4.99 7.47
N HIS A 55 21.89 4.83 8.48
CA HIS A 55 21.59 4.05 9.70
C HIS A 55 20.34 4.64 10.37
N PRO A 56 19.34 3.77 10.68
CA PRO A 56 18.06 4.22 11.24
C PRO A 56 18.19 5.08 12.49
N ARG A 57 19.17 4.79 13.35
CA ARG A 57 19.35 5.44 14.67
C ARG A 57 20.25 6.67 14.57
N PHE A 58 20.90 6.89 13.43
CA PHE A 58 21.90 7.96 13.24
C PHE A 58 21.20 9.29 12.91
N LYS A 59 20.49 9.84 13.90
CA LYS A 59 19.87 11.20 13.78
C LYS A 59 21.00 12.15 13.38
N ARG A 60 20.69 13.21 12.64
CA ARG A 60 21.67 14.21 12.11
C ARG A 60 21.12 15.63 12.31
N GLU A 61 21.98 16.57 12.67
CA GLU A 61 21.59 17.99 12.89
C GLU A 61 21.98 18.79 11.64
N PHE A 62 21.15 19.78 11.28
CA PHE A 62 21.28 20.57 10.03
C PHE A 62 21.39 22.07 10.34
N ILE A 63 20.89 22.54 11.49
CA ILE A 63 20.86 24.00 11.82
C ILE A 63 21.87 24.30 12.93
N GLN A 64 21.79 23.61 14.09
CA GLN A 64 22.39 24.07 15.37
C GLN A 64 23.77 23.46 15.58
N GLU A 65 24.79 24.32 15.70
CA GLU A 65 26.19 23.95 16.10
C GLU A 65 26.16 23.45 17.54
N PRO A 66 26.94 22.41 17.91
CA PRO A 66 27.98 21.84 17.06
C PRO A 66 27.58 20.70 16.10
N ALA A 67 26.64 19.84 16.50
CA ALA A 67 26.28 18.56 15.83
C ALA A 67 26.14 18.75 14.31
N LYS A 68 25.66 19.94 13.90
CA LYS A 68 25.67 20.46 12.50
C LYS A 68 26.91 19.94 11.79
N ASN A 69 28.10 20.25 12.32
CA ASN A 69 29.41 20.08 11.66
C ASN A 69 29.99 18.68 11.96
N ARG A 70 29.13 17.70 12.27
CA ARG A 70 29.55 16.29 12.49
C ARG A 70 30.39 15.85 11.29
N PRO A 71 31.65 15.40 11.50
CA PRO A 71 32.43 14.76 10.45
C PRO A 71 31.68 13.59 9.77
N GLY A 72 31.89 13.45 8.46
CA GLY A 72 31.37 12.34 7.64
C GLY A 72 32.31 11.13 7.72
N PRO A 73 32.10 10.07 6.90
CA PRO A 73 30.92 9.97 6.03
C PRO A 73 29.56 9.95 6.77
N GLN A 74 28.49 10.31 6.06
CA GLN A 74 27.10 10.32 6.60
C GLN A 74 26.42 8.99 6.30
N THR A 75 26.97 8.14 5.42
CA THR A 75 26.51 6.74 5.26
C THR A 75 27.53 5.89 4.49
N ARG A 76 27.18 4.63 4.25
CA ARG A 76 27.99 3.66 3.47
C ARG A 76 28.12 4.18 2.03
N SER A 77 29.10 3.66 1.28
CA SER A 77 29.45 4.12 -0.09
C SER A 77 28.57 3.43 -1.14
N ASP A 78 28.25 4.17 -2.20
CA ASP A 78 27.49 3.72 -3.40
C ASP A 78 28.31 2.70 -4.19
N LEU A 79 29.62 2.66 -3.97
CA LEU A 79 30.55 1.72 -4.65
C LEU A 79 30.32 0.28 -4.16
N LEU A 80 29.70 0.10 -3.00
CA LEU A 80 29.49 -1.23 -2.34
C LEU A 80 28.59 -2.13 -3.21
N LEU A 81 27.81 -1.56 -4.14
CA LEU A 81 26.98 -2.36 -5.08
C LEU A 81 27.18 -1.83 -6.51
N SER A 82 26.89 -2.67 -7.50
CA SER A 82 26.79 -2.26 -8.93
C SER A 82 25.54 -1.40 -9.10
N GLY A 83 25.61 -0.31 -9.86
CA GLY A 83 24.43 0.43 -10.36
C GLY A 83 23.30 -0.52 -10.70
N ARG A 84 23.60 -1.64 -11.38
CA ARG A 84 22.65 -2.74 -11.71
C ARG A 84 21.93 -3.20 -10.43
N ASP A 85 22.67 -3.52 -9.37
CA ASP A 85 22.10 -4.03 -8.10
C ASP A 85 21.21 -2.93 -7.50
N TRP A 86 21.73 -1.70 -7.40
CA TRP A 86 20.98 -0.52 -6.86
C TRP A 86 19.66 -0.37 -7.62
N ASN A 87 19.69 -0.39 -8.94
CA ASN A 87 18.52 -0.13 -9.83
C ASN A 87 17.48 -1.24 -9.68
N THR A 88 17.88 -2.47 -9.33
CA THR A 88 16.98 -3.66 -9.44
C THR A 88 16.67 -4.28 -8.08
N LEU A 89 17.57 -4.23 -7.09
CA LEU A 89 17.50 -5.10 -5.89
C LEU A 89 17.19 -4.32 -4.61
N ILE A 90 17.43 -3.00 -4.57
CA ILE A 90 17.43 -2.23 -3.30
C ILE A 90 16.32 -1.18 -3.33
N VAL A 91 15.31 -1.38 -2.48
CA VAL A 91 14.26 -0.38 -2.13
C VAL A 91 14.71 0.36 -0.88
N GLY A 92 14.83 1.69 -0.95
CA GLY A 92 15.20 2.55 0.19
C GLY A 92 14.08 2.64 1.22
N LYS A 93 14.42 2.99 2.46
CA LYS A 93 13.46 3.30 3.56
C LYS A 93 13.84 4.62 4.23
N LEU A 94 12.88 5.54 4.36
CA LEU A 94 13.03 6.79 5.17
C LEU A 94 13.35 6.39 6.61
N SER A 95 14.42 6.96 7.18
CA SER A 95 14.84 6.72 8.57
C SER A 95 13.66 7.06 9.49
N PRO A 96 13.34 6.20 10.49
CA PRO A 96 12.13 6.38 11.29
C PRO A 96 12.18 7.58 12.26
N TRP A 97 13.34 8.19 12.46
CA TRP A 97 13.50 9.41 13.30
C TRP A 97 13.02 10.65 12.54
N ILE A 98 12.90 10.58 11.21
CA ILE A 98 12.52 11.72 10.33
C ILE A 98 11.02 11.94 10.49
N ARG A 99 10.62 13.08 11.08
CA ARG A 99 9.20 13.38 11.40
C ARG A 99 8.91 14.82 10.98
N PRO A 100 8.52 15.05 9.71
CA PRO A 100 8.26 16.40 9.23
C PRO A 100 6.98 17.06 9.78
N ASP A 101 6.11 16.28 10.44
CA ASP A 101 4.84 16.78 11.02
C ASP A 101 4.91 16.74 12.55
N SER A 102 6.10 16.74 13.13
CA SER A 102 6.34 16.99 14.57
C SER A 102 5.63 18.28 14.99
N LYS A 103 5.32 18.39 16.28
CA LYS A 103 4.76 19.63 16.87
C LYS A 103 5.90 20.59 17.20
N VAL A 104 7.14 20.12 17.18
CA VAL A 104 8.36 20.92 17.50
C VAL A 104 8.85 21.55 16.20
N GLU A 105 8.96 22.87 16.16
CA GLU A 105 9.54 23.60 14.99
C GLU A 105 10.89 22.98 14.63
N LYS A 106 11.80 22.86 15.60
CA LYS A 106 13.18 22.39 15.39
C LYS A 106 13.18 20.99 14.75
N ILE A 107 12.31 20.08 15.18
CA ILE A 107 12.27 18.68 14.66
C ILE A 107 11.65 18.65 13.26
N ARG A 108 10.75 19.61 12.97
CA ARG A 108 10.14 19.80 11.62
C ARG A 108 11.25 20.21 10.65
N ARG A 109 11.79 21.43 10.80
CA ARG A 109 12.90 21.98 9.97
C ARG A 109 13.98 20.92 9.76
N ASN A 110 14.43 20.28 10.84
CA ASN A 110 15.52 19.29 10.81
C ASN A 110 15.08 18.11 9.93
N SER A 111 13.89 17.58 10.17
CA SER A 111 13.35 16.40 9.42
C SER A 111 13.13 16.76 7.93
N GLU A 112 12.71 18.00 7.63
CA GLU A 112 12.55 18.51 6.24
C GLU A 112 13.86 18.23 5.49
N ALA A 113 14.95 18.88 5.92
CA ALA A 113 16.30 18.76 5.33
C ALA A 113 16.75 17.29 5.32
N ALA A 114 16.47 16.56 6.41
CA ALA A 114 16.84 15.13 6.59
C ALA A 114 16.12 14.26 5.55
N MET A 115 14.88 14.62 5.22
CA MET A 115 13.99 13.85 4.31
C MET A 115 14.47 14.05 2.86
N LEU A 116 14.71 15.31 2.46
CA LEU A 116 15.28 15.65 1.13
C LEU A 116 16.60 14.89 0.96
N GLN A 117 17.45 14.93 1.99
CA GLN A 117 18.76 14.22 2.02
C GLN A 117 18.54 12.75 1.66
N GLU A 118 17.69 12.04 2.41
CA GLU A 118 17.49 10.57 2.26
C GLU A 118 16.91 10.26 0.86
N LEU A 119 15.95 11.06 0.38
CA LEU A 119 15.30 10.88 -0.94
C LEU A 119 16.32 11.15 -2.06
N ASN A 120 17.03 12.27 -1.99
CA ASN A 120 18.01 12.70 -3.01
C ASN A 120 19.12 11.65 -3.12
N PHE A 121 19.45 10.98 -2.00
CA PHE A 121 20.45 9.89 -2.00
C PHE A 121 19.85 8.66 -2.68
N GLY A 122 18.59 8.35 -2.42
CA GLY A 122 17.86 7.27 -3.12
C GLY A 122 17.90 7.50 -4.62
N ALA A 123 17.67 8.75 -5.05
CA ALA A 123 17.65 9.17 -6.48
C ALA A 123 19.06 9.00 -7.06
N TYR A 124 20.08 9.44 -6.32
CA TYR A 124 21.52 9.39 -6.71
C TYR A 124 21.92 7.93 -7.01
N LEU A 125 21.40 6.96 -6.25
CA LEU A 125 21.63 5.50 -6.44
C LEU A 125 20.71 4.94 -7.53
N GLY A 126 19.71 5.70 -8.00
CA GLY A 126 18.74 5.22 -9.00
C GLY A 126 17.96 4.02 -8.48
N LEU A 127 17.43 4.13 -7.26
CA LEU A 127 16.64 3.07 -6.60
C LEU A 127 15.24 3.02 -7.22
N PRO A 128 14.75 1.79 -7.51
CA PRO A 128 13.46 1.60 -8.17
C PRO A 128 12.27 2.12 -7.36
N ALA A 129 12.40 2.15 -6.02
CA ALA A 129 11.36 2.59 -5.06
C ALA A 129 12.00 3.04 -3.73
N PHE A 130 11.25 3.82 -2.96
CA PHE A 130 11.64 4.33 -1.64
C PHE A 130 10.40 4.33 -0.73
N LEU A 131 10.49 3.74 0.46
CA LEU A 131 9.36 3.54 1.41
C LEU A 131 9.21 4.76 2.33
N LEU A 132 7.99 5.22 2.54
CA LEU A 132 7.65 6.29 3.51
C LEU A 132 6.40 5.89 4.27
N PRO A 133 6.41 5.93 5.62
CA PRO A 133 5.24 5.61 6.42
C PRO A 133 4.16 6.69 6.50
N LEU A 134 2.91 6.27 6.37
CA LEU A 134 1.74 6.99 6.96
C LEU A 134 1.35 6.22 8.23
N ASN A 135 1.54 6.80 9.41
CA ASN A 135 1.13 6.15 10.69
C ASN A 135 0.54 7.17 11.67
N GLN A 136 0.31 8.41 11.27
CA GLN A 136 -0.59 9.35 11.98
C GLN A 136 -1.59 9.90 10.96
N GLU A 137 -2.46 10.83 11.37
CA GLU A 137 -3.55 11.41 10.54
C GLU A 137 -3.03 12.62 9.76
N ASP A 138 -2.13 13.41 10.35
CA ASP A 138 -1.63 14.67 9.72
C ASP A 138 -0.22 14.43 9.16
N ASN A 139 -0.12 14.26 7.84
CA ASN A 139 1.15 14.00 7.11
C ASN A 139 1.36 15.11 6.08
N THR A 140 0.73 16.27 6.33
CA THR A 140 0.67 17.45 5.46
C THR A 140 2.09 17.88 5.03
N ASN A 141 2.99 18.11 5.99
CA ASN A 141 4.38 18.54 5.67
C ASN A 141 5.09 17.40 4.94
N LEU A 142 4.93 16.15 5.39
CA LEU A 142 5.54 14.98 4.71
C LEU A 142 5.20 15.02 3.21
N ALA A 143 3.91 15.21 2.88
CA ALA A 143 3.43 15.30 1.49
C ALA A 143 4.12 16.47 0.77
N ARG A 144 4.10 17.66 1.38
CA ARG A 144 4.72 18.89 0.82
C ARG A 144 6.16 18.58 0.37
N VAL A 145 6.94 18.04 1.30
CA VAL A 145 8.38 17.73 1.07
C VAL A 145 8.48 16.68 -0.04
N LEU A 146 7.76 15.55 0.06
CA LEU A 146 7.81 14.55 -1.05
C LEU A 146 7.48 15.27 -2.36
N THR A 147 6.33 15.94 -2.44
CA THR A 147 5.84 16.67 -3.64
C THR A 147 6.92 17.62 -4.14
N ASN A 148 7.56 18.38 -3.25
CA ASN A 148 8.68 19.29 -3.58
C ASN A 148 9.77 18.48 -4.32
N HIS A 149 10.29 17.40 -3.71
CA HIS A 149 11.31 16.47 -4.28
C HIS A 149 10.87 15.98 -5.67
N ILE A 150 9.63 15.54 -5.80
CA ILE A 150 9.08 14.94 -7.05
C ILE A 150 9.19 15.92 -8.21
N HIS A 151 8.93 17.21 -7.97
CA HIS A 151 8.97 18.28 -9.00
C HIS A 151 10.36 18.92 -9.01
N THR A 152 11.41 18.12 -9.10
CA THR A 152 12.84 18.56 -9.11
C THR A 152 13.55 17.91 -10.31
N GLY A 153 12.82 17.74 -11.43
CA GLY A 153 13.32 17.02 -12.63
C GLY A 153 12.78 15.60 -12.67
N HIS A 154 12.24 15.20 -13.83
CA HIS A 154 11.43 13.95 -14.03
C HIS A 154 12.31 12.71 -13.89
N HIS A 155 12.32 12.04 -12.73
CA HIS A 155 13.05 10.77 -12.43
C HIS A 155 12.05 9.61 -12.27
N SER A 156 12.48 8.38 -12.57
CA SER A 156 11.60 7.19 -12.62
C SER A 156 11.24 6.69 -11.21
N SER A 157 12.04 7.02 -10.19
CA SER A 157 11.90 6.49 -8.80
C SER A 157 10.43 6.49 -8.39
N MET A 158 9.95 5.36 -7.86
CA MET A 158 8.61 5.17 -7.24
C MET A 158 8.69 5.52 -5.76
N PHE A 159 7.56 5.91 -5.15
CA PHE A 159 7.41 6.09 -3.69
C PHE A 159 6.30 5.17 -3.20
N TRP A 160 6.66 4.28 -2.29
CA TRP A 160 5.74 3.34 -1.61
C TRP A 160 5.38 3.93 -0.25
N MET A 161 4.14 4.40 -0.11
CA MET A 161 3.59 4.84 1.20
C MET A 161 3.17 3.60 1.99
N ARG A 162 3.86 3.35 3.11
CA ARG A 162 3.57 2.23 4.04
C ARG A 162 2.37 2.63 4.89
N VAL A 163 1.23 1.95 4.67
CA VAL A 163 -0.06 2.22 5.35
C VAL A 163 -0.58 0.92 5.94
N PRO A 164 -1.04 0.94 7.20
CA PRO A 164 -1.66 -0.24 7.81
C PRO A 164 -3.14 -0.45 7.43
N LEU A 165 -3.56 -1.72 7.26
CA LEU A 165 -4.99 -2.09 7.18
C LEU A 165 -5.72 -1.49 8.38
N VAL A 166 -5.06 -1.59 9.55
CA VAL A 166 -5.55 -1.20 10.91
C VAL A 166 -4.49 -0.32 11.60
N ALA A 167 -4.88 0.90 12.01
CA ALA A 167 -4.02 1.88 12.73
C ALA A 167 -3.57 1.27 14.05
N PRO A 168 -2.26 1.34 14.40
CA PRO A 168 -1.74 0.61 15.57
C PRO A 168 -2.57 0.88 16.83
N GLU A 169 -3.03 2.13 17.00
CA GLU A 169 -3.87 2.60 18.13
C GLU A 169 -5.13 1.72 18.26
N ASP A 170 -5.66 1.20 17.15
CA ASP A 170 -6.94 0.45 17.12
C ASP A 170 -6.66 -1.05 17.07
N LEU A 171 -5.37 -1.43 17.19
CA LEU A 171 -4.89 -2.84 17.18
C LEU A 171 -4.39 -3.22 18.58
N ARG A 172 -4.14 -2.23 19.44
CA ARG A 172 -3.38 -2.37 20.71
C ARG A 172 -4.14 -3.29 21.66
N ASP A 173 -3.40 -4.01 22.51
CA ASP A 173 -3.92 -4.87 23.60
C ASP A 173 -4.70 -3.99 24.59
N ASP A 174 -5.90 -4.46 24.98
CA ASP A 174 -6.82 -3.79 25.94
C ASP A 174 -6.25 -3.99 27.35
N ILE A 175 -5.15 -3.29 27.66
CA ILE A 175 -4.37 -3.47 28.92
C ILE A 175 -4.06 -2.12 29.58
N ILE A 176 -4.59 -1.01 29.07
CA ILE A 176 -4.53 0.29 29.81
C ILE A 176 -5.83 0.39 30.62
N GLU A 177 -5.73 0.30 31.95
CA GLU A 177 -6.89 0.18 32.88
C GLU A 177 -7.76 1.45 32.78
N ASN A 178 -7.16 2.61 32.49
CA ASN A 178 -7.84 3.94 32.48
C ASN A 178 -7.93 4.55 31.08
N ALA A 179 -7.57 3.79 30.03
CA ALA A 179 -7.80 4.14 28.60
C ALA A 179 -8.15 2.87 27.86
N PRO A 180 -9.40 2.35 28.03
CA PRO A 180 -9.78 1.05 27.47
C PRO A 180 -10.09 1.20 25.98
N THR A 181 -10.07 0.10 25.23
CA THR A 181 -10.37 0.05 23.78
C THR A 181 -11.89 0.02 23.60
N THR A 182 -12.48 0.97 22.85
CA THR A 182 -13.96 1.08 22.65
C THR A 182 -14.43 -0.22 21.97
N HIS A 183 -15.46 -0.87 22.51
CA HIS A 183 -16.03 -2.16 22.02
C HIS A 183 -17.31 -1.88 21.21
N THR A 184 -17.42 -0.66 20.68
CA THR A 184 -18.59 -0.13 19.92
C THR A 184 -18.23 0.00 18.43
N GLU A 185 -19.13 -0.45 17.55
CA GLU A 185 -19.07 -0.31 16.06
C GLU A 185 -18.65 1.12 15.69
N GLU A 186 -17.45 1.30 15.15
CA GLU A 186 -16.99 2.59 14.56
C GLU A 186 -16.71 2.35 13.07
N TYR A 187 -17.77 2.42 12.24
CA TYR A 187 -17.75 2.09 10.79
C TYR A 187 -16.70 2.94 10.07
N SER A 188 -16.84 4.27 10.15
CA SER A 188 -15.98 5.27 9.49
C SER A 188 -14.62 5.33 10.20
N GLY A 189 -14.62 5.34 11.54
CA GLY A 189 -13.43 5.21 12.39
C GLY A 189 -12.53 4.06 11.96
N GLU A 190 -13.09 2.89 11.61
CA GLU A 190 -12.31 1.64 11.30
C GLU A 190 -11.68 1.74 9.90
N GLU A 191 -12.05 2.77 9.13
CA GLU A 191 -11.54 3.06 7.76
C GLU A 191 -10.47 4.16 7.81
N LYS A 192 -10.24 4.80 8.97
CA LYS A 192 -9.44 6.06 9.12
C LYS A 192 -8.08 5.94 8.42
N THR A 193 -7.50 4.74 8.39
CA THR A 193 -6.20 4.42 7.75
C THR A 193 -6.24 4.80 6.25
N TRP A 194 -7.34 4.46 5.55
CA TRP A 194 -7.55 4.79 4.12
C TRP A 194 -7.61 6.32 3.95
N MET A 195 -8.29 7.03 4.86
CA MET A 195 -8.41 8.51 4.80
C MET A 195 -7.01 9.13 4.89
N TRP A 196 -6.10 8.50 5.64
CA TRP A 196 -4.69 8.95 5.74
C TRP A 196 -4.07 8.98 4.35
N TRP A 197 -4.13 7.84 3.67
CA TRP A 197 -3.68 7.67 2.26
C TRP A 197 -4.40 8.71 1.38
N HIS A 198 -5.73 8.70 1.40
CA HIS A 198 -6.57 9.57 0.54
C HIS A 198 -6.09 11.01 0.64
N ASN A 199 -5.92 11.51 1.86
CA ASN A 199 -5.47 12.91 2.07
C ASN A 199 -4.08 13.05 1.45
N PHE A 200 -3.13 12.22 1.86
CA PHE A 200 -1.72 12.30 1.39
C PHE A 200 -1.72 12.28 -0.15
N ARG A 201 -2.31 11.23 -0.70
CA ARG A 201 -2.50 11.03 -2.15
C ARG A 201 -3.01 12.34 -2.76
N THR A 202 -4.14 12.88 -2.27
CA THR A 202 -4.82 14.10 -2.82
C THR A 202 -3.89 15.33 -2.76
N LEU A 203 -3.20 15.53 -1.64
CA LEU A 203 -2.23 16.65 -1.41
C LEU A 203 -1.15 16.61 -2.49
N CYS A 204 -0.70 15.40 -2.87
CA CYS A 204 0.39 15.15 -3.85
C CYS A 204 -0.18 15.09 -5.27
N ASP A 205 -1.46 15.47 -5.42
CA ASP A 205 -2.14 15.77 -6.71
C ASP A 205 -2.15 14.50 -7.59
N TYR A 206 -2.35 13.34 -6.97
CA TYR A 206 -2.57 12.05 -7.65
C TYR A 206 -1.34 11.69 -8.47
N SER A 207 -0.13 11.99 -7.98
CA SER A 207 1.15 11.63 -8.64
C SER A 207 1.17 10.13 -8.93
N LYS A 208 1.73 9.76 -10.08
CA LYS A 208 1.77 8.37 -10.58
C LYS A 208 2.94 7.63 -9.93
N ARG A 209 3.85 8.37 -9.29
CA ARG A 209 5.05 7.81 -8.63
C ARG A 209 4.75 7.53 -7.15
N ILE A 210 3.50 7.72 -6.71
CA ILE A 210 3.07 7.50 -5.30
C ILE A 210 2.05 6.36 -5.27
N ALA A 211 2.46 5.20 -4.74
CA ALA A 211 1.66 3.96 -4.66
C ALA A 211 1.50 3.55 -3.18
N VAL A 212 0.75 2.49 -2.92
CA VAL A 212 0.52 1.96 -1.55
C VAL A 212 1.29 0.66 -1.37
N ALA A 213 2.02 0.57 -0.26
CA ALA A 213 2.53 -0.67 0.37
C ALA A 213 1.64 -0.95 1.57
N LEU A 214 0.68 -1.86 1.42
CA LEU A 214 -0.39 -2.10 2.41
C LEU A 214 0.14 -3.08 3.45
N GLU A 215 0.20 -2.63 4.71
CA GLU A 215 0.66 -3.42 5.87
C GLU A 215 -0.54 -4.14 6.52
N ILE A 216 -0.44 -5.45 6.61
CA ILE A 216 -1.49 -6.37 7.14
C ILE A 216 -1.10 -6.77 8.57
N GLY A 217 -2.02 -6.58 9.52
CA GLY A 217 -1.81 -6.87 10.95
C GLY A 217 -2.22 -8.30 11.29
N ALA A 218 -2.15 -8.64 12.59
CA ALA A 218 -2.51 -9.96 13.15
C ALA A 218 -3.99 -10.25 12.86
N ASP A 219 -4.88 -9.35 13.34
CA ASP A 219 -6.36 -9.45 13.19
C ASP A 219 -6.81 -8.56 12.03
N LEU A 220 -7.44 -9.15 11.01
CA LEU A 220 -8.05 -8.39 9.87
C LEU A 220 -9.24 -7.62 10.41
N PRO A 221 -9.54 -6.44 9.86
CA PRO A 221 -10.77 -5.72 10.21
C PRO A 221 -11.95 -6.14 9.32
N SER A 222 -13.08 -5.46 9.48
CA SER A 222 -14.34 -5.66 8.71
C SER A 222 -14.06 -5.56 7.21
N ASN A 223 -14.71 -6.41 6.42
CA ASN A 223 -14.57 -6.42 4.94
C ASN A 223 -14.65 -5.00 4.36
N HIS A 224 -15.56 -4.17 4.85
CA HIS A 224 -15.81 -2.82 4.27
C HIS A 224 -14.50 -2.02 4.34
N VAL A 225 -13.72 -2.20 5.40
CA VAL A 225 -12.37 -1.57 5.59
C VAL A 225 -11.42 -2.09 4.50
N ILE A 226 -11.34 -3.41 4.32
CA ILE A 226 -10.49 -4.08 3.27
C ILE A 226 -10.95 -3.61 1.89
N ASP A 227 -12.26 -3.44 1.72
CA ASP A 227 -12.89 -3.10 0.41
C ASP A 227 -12.57 -1.64 0.05
N ARG A 228 -12.31 -0.76 1.03
CA ARG A 228 -11.90 0.64 0.75
C ARG A 228 -10.66 0.69 -0.16
N TRP A 229 -9.80 -0.34 -0.12
CA TRP A 229 -8.48 -0.40 -0.80
C TRP A 229 -8.60 -0.99 -2.21
N LEU A 230 -9.81 -1.22 -2.69
CA LEU A 230 -10.06 -1.54 -4.12
C LEU A 230 -10.00 -0.25 -4.93
N GLY A 231 -9.48 -0.35 -6.16
CA GLY A 231 -9.28 0.79 -7.06
C GLY A 231 -8.01 1.55 -6.71
N GLU A 232 -7.34 1.20 -5.61
CA GLU A 232 -6.15 1.92 -5.09
C GLU A 232 -4.89 1.32 -5.71
N PRO A 233 -3.85 2.15 -5.95
CA PRO A 233 -2.63 1.70 -6.60
C PRO A 233 -1.73 0.97 -5.60
N ILE A 234 -2.10 -0.26 -5.26
CA ILE A 234 -1.32 -1.13 -4.32
C ILE A 234 -0.19 -1.75 -5.13
N LYS A 235 1.05 -1.36 -4.86
CA LYS A 235 2.25 -1.97 -5.50
C LYS A 235 2.82 -3.04 -4.55
N ALA A 236 2.54 -2.94 -3.24
CA ALA A 236 3.13 -3.83 -2.21
C ALA A 236 2.10 -4.23 -1.17
N ALA A 237 2.24 -5.45 -0.63
CA ALA A 237 1.54 -5.96 0.56
C ALA A 237 2.59 -6.46 1.57
N ILE A 238 2.74 -5.76 2.70
CA ILE A 238 3.74 -6.10 3.76
C ILE A 238 3.10 -7.06 4.75
N LEU A 239 3.72 -8.22 4.98
CA LEU A 239 3.31 -9.29 5.93
C LEU A 239 4.36 -9.43 7.05
N PRO A 240 4.11 -8.95 8.30
CA PRO A 240 5.00 -9.25 9.41
C PRO A 240 4.94 -10.75 9.71
N THR A 241 6.07 -11.34 10.09
CA THR A 241 6.17 -12.79 10.48
C THR A 241 5.18 -13.10 11.62
N SER A 242 4.87 -12.10 12.47
CA SER A 242 3.87 -12.15 13.58
C SER A 242 2.60 -12.88 13.14
N ILE A 243 2.04 -12.47 12.01
CA ILE A 243 0.63 -12.76 11.62
C ILE A 243 0.50 -14.22 11.15
N PHE A 244 1.62 -14.95 11.09
CA PHE A 244 1.68 -16.37 10.66
C PHE A 244 1.36 -17.29 11.83
N LEU A 245 0.27 -18.04 11.68
CA LEU A 245 -0.09 -19.21 12.53
C LEU A 245 0.97 -20.29 12.32
N THR A 246 1.02 -21.26 13.22
CA THR A 246 1.93 -22.44 13.16
C THR A 246 1.08 -23.71 13.07
N ASN A 247 1.34 -24.55 12.06
CA ASN A 247 0.62 -25.83 11.84
C ASN A 247 1.34 -26.92 12.64
N LYS A 248 0.84 -28.16 12.55
CA LYS A 248 1.30 -29.34 13.33
C LYS A 248 2.83 -29.45 13.19
N LYS A 249 3.30 -29.63 11.96
CA LYS A 249 4.73 -29.92 11.63
C LYS A 249 5.63 -28.87 12.29
N GLY A 250 5.38 -27.59 12.02
CA GLY A 250 6.22 -26.47 12.49
C GLY A 250 6.22 -25.30 11.52
N PHE A 251 5.91 -25.57 10.24
CA PHE A 251 5.81 -24.57 9.14
C PHE A 251 4.95 -23.38 9.60
N PRO A 252 5.27 -22.14 9.17
CA PRO A 252 4.35 -21.01 9.29
C PRO A 252 3.28 -21.07 8.20
N VAL A 253 2.06 -20.61 8.52
CA VAL A 253 0.91 -20.54 7.57
C VAL A 253 0.07 -19.31 7.92
N LEU A 254 -1.04 -19.11 7.22
CA LEU A 254 -1.97 -17.96 7.43
C LEU A 254 -3.39 -18.48 7.60
N SER A 255 -4.20 -17.80 8.43
CA SER A 255 -5.65 -18.02 8.61
C SER A 255 -6.32 -18.21 7.24
N LYS A 256 -7.55 -18.72 7.22
CA LYS A 256 -8.35 -18.85 5.96
C LYS A 256 -8.75 -17.46 5.48
N MET A 257 -8.93 -16.49 6.39
CA MET A 257 -9.33 -15.11 6.03
C MET A 257 -8.13 -14.36 5.46
N HIS A 258 -6.94 -14.56 6.03
CA HIS A 258 -5.67 -14.04 5.48
C HIS A 258 -5.48 -14.61 4.07
N GLN A 259 -5.77 -15.90 3.88
CA GLN A 259 -5.59 -16.61 2.58
C GLN A 259 -6.49 -15.94 1.51
N ARG A 260 -7.75 -15.64 1.85
CA ARG A 260 -8.69 -14.91 0.95
C ARG A 260 -8.02 -13.60 0.48
N LEU A 261 -7.47 -12.81 1.41
CA LEU A 261 -6.83 -11.51 1.12
C LEU A 261 -5.64 -11.74 0.17
N ILE A 262 -4.80 -12.73 0.45
CA ILE A 262 -3.61 -13.02 -0.39
C ILE A 262 -4.10 -13.24 -1.82
N PHE A 263 -5.17 -14.02 -2.02
CA PHE A 263 -5.75 -14.32 -3.35
C PHE A 263 -6.20 -13.01 -4.01
N ARG A 264 -6.86 -12.10 -3.27
CA ARG A 264 -7.30 -10.77 -3.75
C ARG A 264 -6.07 -9.97 -4.20
N LEU A 265 -4.96 -10.04 -3.47
CA LEU A 265 -3.73 -9.25 -3.77
C LEU A 265 -2.94 -9.89 -4.92
N LEU A 266 -3.00 -11.21 -5.08
CA LEU A 266 -2.26 -11.94 -6.15
C LEU A 266 -2.83 -11.53 -7.52
N LYS A 267 -4.15 -11.35 -7.60
CA LYS A 267 -4.85 -10.93 -8.85
C LYS A 267 -4.52 -9.46 -9.14
N LEU A 268 -4.08 -8.69 -8.15
CA LEU A 268 -3.51 -7.33 -8.35
C LEU A 268 -2.01 -7.40 -8.65
N GLU A 269 -1.42 -8.61 -8.65
CA GLU A 269 0.03 -8.82 -8.94
C GLU A 269 0.89 -7.86 -8.11
N VAL A 270 0.57 -7.68 -6.84
CA VAL A 270 1.40 -6.88 -5.88
C VAL A 270 2.69 -7.64 -5.63
N GLN A 271 3.76 -6.92 -5.28
CA GLN A 271 5.00 -7.51 -4.72
C GLN A 271 4.75 -7.69 -3.21
N PHE A 272 5.04 -8.87 -2.69
CA PHE A 272 4.86 -9.22 -1.26
C PHE A 272 6.19 -8.98 -0.53
N ILE A 273 6.17 -8.11 0.48
CA ILE A 273 7.35 -7.91 1.37
C ILE A 273 7.11 -8.69 2.66
N ILE A 274 8.18 -9.26 3.23
CA ILE A 274 8.20 -9.98 4.54
C ILE A 274 9.07 -9.14 5.48
N THR A 275 8.47 -8.57 6.52
CA THR A 275 9.13 -7.74 7.57
C THR A 275 9.22 -8.56 8.86
N GLY A 276 10.22 -8.26 9.71
CA GLY A 276 10.35 -8.80 11.07
C GLY A 276 11.10 -10.12 11.12
N THR A 277 11.62 -10.45 12.30
CA THR A 277 12.53 -11.60 12.57
C THR A 277 11.75 -12.91 12.41
N ASN A 278 12.47 -14.03 12.34
CA ASN A 278 11.92 -15.42 12.25
C ASN A 278 11.35 -15.81 13.62
N HIS A 279 10.03 -16.05 13.71
CA HIS A 279 9.32 -16.53 14.93
C HIS A 279 9.01 -18.03 14.82
N HIS A 280 9.46 -18.67 13.74
CA HIS A 280 9.40 -20.14 13.52
C HIS A 280 10.84 -20.66 13.41
N SER A 281 11.57 -20.56 14.52
CA SER A 281 13.07 -20.62 14.62
C SER A 281 13.61 -22.01 14.27
N GLU A 282 12.76 -22.97 13.90
CA GLU A 282 13.16 -24.32 13.40
C GLU A 282 13.35 -24.26 11.88
N LYS A 283 12.48 -23.57 11.15
CA LYS A 283 12.50 -23.47 9.66
C LYS A 283 13.29 -22.23 9.21
N GLU A 284 13.95 -22.31 8.06
CA GLU A 284 14.63 -21.16 7.37
C GLU A 284 13.59 -20.09 7.00
N PHE A 285 14.03 -18.96 6.42
CA PHE A 285 13.16 -17.86 5.94
C PHE A 285 12.48 -18.22 4.62
N CYS A 286 13.02 -19.21 3.89
CA CYS A 286 12.41 -19.73 2.63
C CYS A 286 11.07 -20.42 2.95
N SER A 287 10.79 -20.69 4.23
CA SER A 287 9.49 -21.25 4.71
C SER A 287 8.36 -20.24 4.49
N TYR A 288 8.44 -19.06 5.14
CA TYR A 288 7.46 -17.95 5.00
C TYR A 288 7.17 -17.72 3.52
N LEU A 289 8.24 -17.53 2.75
CA LEU A 289 8.19 -17.34 1.28
C LEU A 289 7.46 -18.53 0.65
N GLN A 290 7.95 -19.77 0.87
CA GLN A 290 7.43 -21.00 0.23
C GLN A 290 5.94 -21.21 0.50
N TYR A 291 5.36 -20.59 1.54
CA TYR A 291 3.89 -20.65 1.77
C TYR A 291 3.19 -19.80 0.72
N LEU A 292 3.60 -18.53 0.58
CA LEU A 292 3.10 -17.61 -0.47
C LEU A 292 3.16 -18.30 -1.84
N GLU A 293 4.27 -19.00 -2.12
CA GLU A 293 4.52 -19.75 -3.39
C GLU A 293 3.46 -20.84 -3.51
N TYR A 294 3.26 -21.63 -2.44
CA TYR A 294 2.28 -22.74 -2.33
C TYR A 294 0.87 -22.18 -2.61
N LEU A 295 0.59 -20.98 -2.10
CA LEU A 295 -0.75 -20.31 -2.20
C LEU A 295 -1.04 -19.91 -3.66
N SER A 296 -0.05 -19.32 -4.35
CA SER A 296 -0.20 -18.79 -5.74
C SER A 296 -0.38 -19.95 -6.72
N GLN A 297 0.35 -21.05 -6.53
CA GLN A 297 0.29 -22.25 -7.42
C GLN A 297 -1.01 -23.00 -7.15
N ASN A 298 -1.56 -22.87 -5.94
CA ASN A 298 -2.84 -23.50 -5.53
C ASN A 298 -3.92 -22.43 -5.47
N ARG A 299 -4.27 -21.87 -6.63
CA ARG A 299 -5.41 -20.94 -6.80
C ARG A 299 -6.21 -21.44 -8.00
N PRO A 300 -7.50 -21.04 -8.15
CA PRO A 300 -8.27 -21.42 -9.34
C PRO A 300 -7.52 -20.96 -10.61
N PRO A 301 -6.95 -21.88 -11.43
CA PRO A 301 -6.15 -21.47 -12.59
C PRO A 301 -6.99 -20.74 -13.64
N PRO A 302 -6.37 -19.93 -14.54
CA PRO A 302 -7.10 -18.93 -15.32
C PRO A 302 -8.09 -19.52 -16.34
N ASN A 303 -9.37 -19.09 -16.31
CA ASN A 303 -10.43 -19.55 -17.25
C ASN A 303 -10.14 -18.98 -18.65
N ALA A 304 -11.03 -19.19 -19.63
CA ALA A 304 -10.84 -18.81 -21.05
C ALA A 304 -10.76 -17.28 -21.20
N TYR A 305 -11.72 -16.56 -20.58
CA TYR A 305 -11.79 -15.08 -20.53
C TYR A 305 -10.51 -14.52 -19.88
N GLU A 306 -10.21 -14.95 -18.64
CA GLU A 306 -9.08 -14.44 -17.80
C GLU A 306 -7.73 -14.69 -18.49
N LEU A 307 -7.57 -15.80 -19.22
CA LEU A 307 -6.31 -16.19 -19.89
C LEU A 307 -6.15 -15.36 -21.18
N PHE A 308 -7.24 -15.05 -21.88
CA PHE A 308 -7.26 -14.24 -23.13
C PHE A 308 -6.87 -12.78 -22.82
N ALA A 309 -7.41 -12.23 -21.73
CA ALA A 309 -7.37 -10.79 -21.39
C ALA A 309 -6.27 -10.49 -20.38
N LYS A 310 -5.38 -11.46 -20.12
CA LYS A 310 -4.36 -11.39 -19.04
C LYS A 310 -3.41 -10.21 -19.29
N GLY A 311 -3.35 -9.69 -20.52
CA GLY A 311 -2.52 -8.53 -20.89
C GLY A 311 -3.27 -7.20 -20.81
N TYR A 312 -4.59 -7.20 -20.99
CA TYR A 312 -5.40 -5.97 -21.27
C TYR A 312 -5.94 -5.34 -19.97
N GLU A 313 -5.69 -5.96 -18.80
CA GLU A 313 -6.14 -5.44 -17.47
C GLU A 313 -5.90 -3.93 -17.41
N ASP A 314 -6.95 -3.14 -17.19
CA ASP A 314 -6.92 -1.66 -17.02
C ASP A 314 -6.16 -0.96 -18.15
N TYR A 315 -6.16 -1.55 -19.35
CA TYR A 315 -5.58 -0.96 -20.57
C TYR A 315 -6.70 -0.19 -21.30
N LEU A 316 -6.65 1.14 -21.17
CA LEU A 316 -7.52 2.09 -21.90
C LEU A 316 -7.24 1.98 -23.40
N GLN A 317 -8.28 1.74 -24.21
CA GLN A 317 -8.26 1.83 -25.70
C GLN A 317 -9.42 2.74 -26.13
N SER A 318 -9.25 3.53 -27.18
CA SER A 318 -10.37 4.26 -27.82
C SER A 318 -11.37 3.24 -28.37
N PRO A 319 -12.68 3.50 -28.32
CA PRO A 319 -13.66 2.58 -28.88
C PRO A 319 -13.56 2.55 -30.42
N LEU A 320 -13.46 1.34 -31.00
CA LEU A 320 -13.57 1.11 -32.48
C LEU A 320 -14.85 1.79 -32.97
N GLN A 321 -14.81 2.35 -34.18
CA GLN A 321 -15.97 2.87 -34.93
C GLN A 321 -15.99 2.18 -36.28
N PRO A 322 -16.52 0.94 -36.39
CA PRO A 322 -16.49 0.19 -37.64
C PRO A 322 -17.27 0.89 -38.78
N LEU A 323 -18.24 1.75 -38.44
CA LEU A 323 -18.94 2.57 -39.46
C LEU A 323 -17.97 3.62 -40.01
N MET A 324 -17.54 4.58 -39.20
CA MET A 324 -16.77 5.77 -39.65
C MET A 324 -15.41 5.32 -40.18
N ASP A 325 -14.80 4.31 -39.56
CA ASP A 325 -13.46 3.79 -39.95
C ASP A 325 -13.66 2.42 -40.60
N ASN A 326 -12.67 1.95 -41.35
CA ASN A 326 -12.62 0.57 -41.92
C ASN A 326 -11.72 -0.30 -41.03
N LEU A 327 -12.26 -1.35 -40.40
CA LEU A 327 -11.48 -2.18 -39.45
C LEU A 327 -10.36 -2.91 -40.19
N GLU A 328 -9.20 -3.05 -39.54
CA GLU A 328 -8.00 -3.73 -40.06
C GLU A 328 -8.25 -5.24 -40.08
N SER A 329 -7.50 -5.99 -40.90
CA SER A 329 -7.61 -7.46 -41.04
C SER A 329 -7.64 -8.07 -39.63
N GLN A 330 -6.59 -7.83 -38.84
CA GLN A 330 -6.36 -8.49 -37.51
C GLN A 330 -7.46 -8.12 -36.51
N THR A 331 -8.11 -6.96 -36.67
CA THR A 331 -9.30 -6.58 -35.87
C THR A 331 -10.38 -7.63 -36.15
N TYR A 332 -10.83 -7.77 -37.41
CA TYR A 332 -11.85 -8.78 -37.81
C TYR A 332 -11.44 -10.17 -37.32
N GLU A 333 -10.15 -10.51 -37.41
CA GLU A 333 -9.58 -11.83 -37.04
C GLU A 333 -9.94 -12.19 -35.58
N VAL A 334 -9.95 -11.22 -34.66
CA VAL A 334 -10.23 -11.51 -33.21
C VAL A 334 -11.75 -11.54 -33.02
N PHE A 335 -12.50 -10.69 -33.72
CA PHE A 335 -13.99 -10.75 -33.72
C PHE A 335 -14.42 -12.20 -34.05
N GLU A 336 -13.66 -12.87 -34.92
CA GLU A 336 -13.96 -14.19 -35.52
C GLU A 336 -13.46 -15.32 -34.61
N LYS A 337 -12.41 -15.07 -33.82
CA LYS A 337 -11.87 -16.00 -32.81
C LYS A 337 -12.74 -15.96 -31.54
N ASP A 338 -14.03 -16.33 -31.65
CA ASP A 338 -14.99 -16.31 -30.52
C ASP A 338 -16.10 -17.34 -30.76
N PRO A 339 -15.81 -18.65 -30.61
CA PRO A 339 -16.75 -19.71 -31.01
C PRO A 339 -18.14 -19.64 -30.35
N ILE A 340 -18.22 -19.13 -29.11
CA ILE A 340 -19.46 -19.06 -28.29
C ILE A 340 -20.44 -18.07 -28.93
N LYS A 341 -19.92 -16.97 -29.46
CA LYS A 341 -20.73 -15.88 -30.06
C LYS A 341 -21.42 -16.42 -31.33
N TYR A 342 -20.73 -17.26 -32.11
CA TYR A 342 -21.20 -17.73 -33.44
C TYR A 342 -22.01 -19.02 -33.27
N SER A 343 -21.70 -19.85 -32.26
CA SER A 343 -22.62 -20.90 -31.72
C SER A 343 -23.98 -20.27 -31.48
N GLN A 344 -24.00 -19.18 -30.72
CA GLN A 344 -25.24 -18.47 -30.29
C GLN A 344 -25.91 -17.85 -31.52
N TYR A 345 -25.13 -17.31 -32.47
CA TYR A 345 -25.68 -16.71 -33.70
C TYR A 345 -26.27 -17.84 -34.58
N GLN A 346 -25.52 -18.93 -34.77
CA GLN A 346 -25.94 -20.11 -35.57
C GLN A 346 -27.29 -20.60 -35.04
N GLN A 347 -27.39 -20.84 -33.74
CA GLN A 347 -28.64 -21.29 -33.05
C GLN A 347 -29.76 -20.26 -33.29
N ALA A 348 -29.52 -18.98 -33.03
CA ALA A 348 -30.54 -17.91 -33.15
C ALA A 348 -31.17 -17.95 -34.55
N ILE A 349 -30.37 -18.24 -35.57
CA ILE A 349 -30.84 -18.33 -36.99
C ILE A 349 -31.64 -19.63 -37.16
N TYR A 350 -31.08 -20.77 -36.71
CA TYR A 350 -31.69 -22.12 -36.66
C TYR A 350 -33.14 -22.02 -36.16
N LYS A 351 -33.35 -21.45 -34.96
CA LYS A 351 -34.68 -21.35 -34.31
C LYS A 351 -35.61 -20.46 -35.15
N CYS A 352 -35.11 -19.41 -35.79
CA CYS A 352 -35.92 -18.48 -36.60
C CYS A 352 -36.40 -19.14 -37.89
N LEU A 353 -35.58 -19.99 -38.50
CA LEU A 353 -35.91 -20.68 -39.78
C LEU A 353 -37.15 -21.56 -39.57
N LEU A 354 -37.11 -22.42 -38.54
CA LEU A 354 -38.19 -23.37 -38.18
C LEU A 354 -39.48 -22.57 -37.93
N ASP A 355 -39.41 -21.53 -37.10
CA ASP A 355 -40.57 -20.70 -36.68
C ASP A 355 -41.22 -20.03 -37.91
N ARG A 356 -40.52 -19.98 -39.06
CA ARG A 356 -40.91 -19.17 -40.26
C ARG A 356 -41.35 -20.07 -41.43
N VAL A 357 -40.70 -21.23 -41.59
CA VAL A 357 -40.89 -22.18 -42.74
C VAL A 357 -41.41 -23.51 -42.18
N PRO A 358 -42.74 -23.77 -42.23
CA PRO A 358 -43.28 -25.04 -41.76
C PRO A 358 -42.63 -26.26 -42.46
N GLU A 359 -42.38 -27.33 -41.72
CA GLU A 359 -41.72 -28.59 -42.18
C GLU A 359 -42.23 -29.01 -43.57
N GLU A 360 -43.54 -28.99 -43.80
CA GLU A 360 -44.19 -29.40 -45.09
C GLU A 360 -43.67 -28.54 -46.25
N GLU A 361 -43.26 -27.29 -45.98
CA GLU A 361 -42.85 -26.28 -47.00
C GLU A 361 -41.32 -26.28 -47.23
N LYS A 362 -40.58 -27.24 -46.66
CA LYS A 362 -39.10 -27.15 -46.54
C LYS A 362 -38.46 -26.94 -47.92
N ASP A 363 -38.87 -27.74 -48.92
CA ASP A 363 -38.23 -27.79 -50.26
C ASP A 363 -38.88 -26.77 -51.20
N THR A 364 -39.97 -26.10 -50.79
CA THR A 364 -40.72 -25.11 -51.60
C THR A 364 -40.49 -23.67 -51.10
N ASN A 365 -40.04 -23.48 -49.85
CA ASN A 365 -39.76 -22.13 -49.28
C ASN A 365 -38.27 -21.99 -48.97
N VAL A 366 -37.60 -21.21 -49.83
CA VAL A 366 -36.22 -20.66 -49.66
C VAL A 366 -36.35 -19.29 -48.98
N GLN A 367 -35.59 -19.07 -47.91
CA GLN A 367 -35.61 -17.82 -47.08
C GLN A 367 -34.52 -16.86 -47.58
N VAL A 368 -34.89 -15.59 -47.79
CA VAL A 368 -33.96 -14.50 -48.18
C VAL A 368 -33.39 -13.91 -46.88
N LEU A 369 -32.07 -14.04 -46.72
CA LEU A 369 -31.32 -13.92 -45.45
C LEU A 369 -30.12 -12.97 -45.66
N MET A 370 -30.12 -11.80 -45.01
CA MET A 370 -29.22 -10.66 -45.35
C MET A 370 -28.35 -10.26 -44.15
N VAL A 371 -27.12 -10.78 -44.08
CA VAL A 371 -26.05 -10.31 -43.15
C VAL A 371 -25.75 -8.83 -43.45
N LEU A 372 -25.88 -7.93 -42.46
CA LEU A 372 -25.59 -6.48 -42.60
C LEU A 372 -24.35 -6.12 -41.78
N GLY A 373 -23.21 -5.90 -42.45
CA GLY A 373 -21.88 -5.80 -41.80
C GLY A 373 -21.25 -7.18 -41.68
N ALA A 374 -21.05 -7.84 -42.81
CA ALA A 374 -20.64 -9.25 -42.91
C ALA A 374 -19.14 -9.40 -42.59
N GLY A 375 -18.37 -8.30 -42.58
CA GLY A 375 -16.92 -8.32 -42.37
C GLY A 375 -16.25 -9.33 -43.30
N ARG A 376 -15.58 -10.34 -42.74
CA ARG A 376 -14.91 -11.43 -43.50
C ARG A 376 -15.78 -12.70 -43.50
N GLY A 377 -17.05 -12.57 -43.08
CA GLY A 377 -18.14 -13.55 -43.27
C GLY A 377 -18.14 -14.73 -42.29
N PRO A 378 -17.96 -14.53 -40.96
CA PRO A 378 -18.20 -15.60 -40.01
C PRO A 378 -19.71 -15.76 -39.79
N LEU A 379 -20.48 -14.67 -39.93
CA LEU A 379 -21.96 -14.69 -39.85
C LEU A 379 -22.53 -15.38 -41.09
N VAL A 380 -21.87 -15.21 -42.24
CA VAL A 380 -22.27 -15.86 -43.51
C VAL A 380 -22.14 -17.38 -43.35
N ASN A 381 -21.04 -17.85 -42.74
CA ASN A 381 -20.82 -19.30 -42.46
C ASN A 381 -21.86 -19.77 -41.43
N ALA A 382 -22.02 -19.05 -40.33
CA ALA A 382 -23.04 -19.34 -39.30
C ALA A 382 -24.40 -19.51 -39.99
N SER A 383 -24.73 -18.63 -40.94
CA SER A 383 -26.03 -18.63 -41.68
C SER A 383 -26.17 -19.91 -42.52
N LEU A 384 -25.09 -20.42 -43.12
CA LEU A 384 -25.09 -21.73 -43.83
C LEU A 384 -25.26 -22.86 -42.81
N ARG A 385 -24.34 -22.97 -41.85
CA ARG A 385 -24.34 -24.03 -40.79
C ARG A 385 -25.74 -24.11 -40.15
N ALA A 386 -26.42 -22.97 -39.97
CA ALA A 386 -27.74 -22.83 -39.32
C ALA A 386 -28.87 -23.28 -40.25
N ALA A 387 -28.65 -23.29 -41.57
CA ALA A 387 -29.67 -23.64 -42.59
C ALA A 387 -29.67 -25.15 -42.86
N LYS A 388 -28.49 -25.79 -42.93
CA LYS A 388 -28.39 -27.25 -43.14
C LYS A 388 -28.53 -27.98 -41.79
N GLN A 389 -28.49 -27.26 -40.66
CA GLN A 389 -28.80 -27.84 -39.32
C GLN A 389 -30.33 -27.90 -39.13
N ALA A 390 -31.07 -26.95 -39.70
CA ALA A 390 -32.55 -26.81 -39.61
C ALA A 390 -33.23 -27.36 -40.87
N ASP A 391 -32.46 -27.89 -41.82
CA ASP A 391 -32.96 -28.47 -43.10
C ASP A 391 -34.01 -27.52 -43.68
N ARG A 392 -33.59 -26.31 -44.05
CA ARG A 392 -34.40 -25.32 -44.82
C ARG A 392 -33.53 -24.69 -45.92
N ARG A 393 -34.17 -24.15 -46.96
CA ARG A 393 -33.50 -23.41 -48.06
C ARG A 393 -33.29 -21.95 -47.64
N ILE A 394 -32.08 -21.41 -47.81
CA ILE A 394 -31.76 -19.96 -47.61
C ILE A 394 -31.01 -19.43 -48.83
N LYS A 395 -31.30 -18.18 -49.18
CA LYS A 395 -30.51 -17.37 -50.14
C LYS A 395 -29.78 -16.30 -49.32
N LEU A 396 -28.46 -16.22 -49.47
CA LEU A 396 -27.57 -15.33 -48.66
C LEU A 396 -27.17 -14.10 -49.49
N TYR A 397 -27.39 -12.91 -48.94
CA TYR A 397 -26.63 -11.68 -49.27
C TYR A 397 -25.60 -11.48 -48.17
N ALA A 398 -24.50 -10.78 -48.49
CA ALA A 398 -23.47 -10.31 -47.53
C ALA A 398 -23.16 -8.84 -47.83
N VAL A 399 -23.92 -7.94 -47.22
CA VAL A 399 -23.68 -6.46 -47.28
C VAL A 399 -22.49 -6.13 -46.37
N GLU A 400 -21.47 -5.42 -46.90
CA GLU A 400 -20.23 -5.00 -46.19
C GLU A 400 -19.66 -3.76 -46.88
N LYS A 401 -19.57 -2.63 -46.17
CA LYS A 401 -19.09 -1.33 -46.74
C LYS A 401 -17.55 -1.28 -46.71
N ASN A 402 -16.90 -2.10 -45.90
CA ASN A 402 -15.42 -2.14 -45.82
C ASN A 402 -14.89 -2.85 -47.05
N PRO A 403 -14.39 -2.13 -48.09
CA PRO A 403 -13.95 -2.77 -49.33
C PRO A 403 -12.78 -3.74 -49.11
N ASN A 404 -11.96 -3.47 -48.10
CA ASN A 404 -10.78 -4.32 -47.75
C ASN A 404 -11.28 -5.70 -47.33
N ALA A 405 -12.36 -5.74 -46.53
CA ALA A 405 -13.02 -6.97 -46.06
C ALA A 405 -13.73 -7.66 -47.23
N VAL A 406 -14.45 -6.88 -48.04
CA VAL A 406 -15.21 -7.30 -49.26
C VAL A 406 -14.28 -8.08 -50.20
N VAL A 407 -12.99 -7.78 -50.20
CA VAL A 407 -11.94 -8.59 -50.90
C VAL A 407 -12.03 -10.03 -50.38
N THR A 408 -12.12 -10.19 -49.06
CA THR A 408 -12.07 -11.49 -48.35
C THR A 408 -13.36 -12.29 -48.60
N LEU A 409 -14.49 -11.59 -48.71
CA LEU A 409 -15.81 -12.20 -48.99
C LEU A 409 -15.82 -12.76 -50.42
N GLU A 410 -15.52 -11.90 -51.41
CA GLU A 410 -15.56 -12.24 -52.86
C GLU A 410 -14.61 -13.42 -53.13
N ASN A 411 -13.50 -13.53 -52.40
CA ASN A 411 -12.54 -14.66 -52.52
C ASN A 411 -13.16 -15.94 -51.91
N TRP A 412 -13.86 -15.84 -50.77
CA TRP A 412 -14.72 -16.91 -50.20
C TRP A 412 -15.82 -17.26 -51.23
N GLN A 413 -16.57 -16.27 -51.71
CA GLN A 413 -17.76 -16.43 -52.57
C GLN A 413 -17.39 -17.22 -53.84
N PHE A 414 -16.24 -16.90 -54.44
CA PHE A 414 -15.72 -17.56 -55.67
C PHE A 414 -15.18 -18.95 -55.31
N GLU A 415 -14.41 -19.07 -54.23
CA GLU A 415 -13.70 -20.34 -53.90
C GLU A 415 -14.67 -21.38 -53.32
N GLU A 416 -15.72 -20.99 -52.57
CA GLU A 416 -16.42 -21.89 -51.61
C GLU A 416 -17.94 -21.71 -51.58
N TRP A 417 -18.46 -20.50 -51.46
CA TRP A 417 -19.92 -20.28 -51.22
C TRP A 417 -20.70 -20.43 -52.53
N GLY A 418 -20.11 -20.02 -53.65
CA GLY A 418 -20.79 -20.01 -54.96
C GLY A 418 -21.91 -18.98 -54.99
N SER A 419 -22.85 -19.16 -55.93
CA SER A 419 -23.90 -18.15 -56.28
C SER A 419 -24.92 -18.02 -55.14
N GLN A 420 -24.94 -18.97 -54.19
CA GLN A 420 -25.83 -18.94 -53.00
C GLN A 420 -25.71 -17.54 -52.37
N VAL A 421 -24.48 -17.17 -51.97
CA VAL A 421 -24.12 -15.83 -51.39
C VAL A 421 -23.96 -14.82 -52.53
N THR A 422 -24.63 -13.67 -52.43
CA THR A 422 -24.51 -12.52 -53.36
C THR A 422 -23.84 -11.35 -52.62
N VAL A 423 -22.50 -11.36 -52.51
CA VAL A 423 -21.73 -10.28 -51.81
C VAL A 423 -22.19 -8.93 -52.36
N VAL A 424 -22.64 -8.05 -51.48
CA VAL A 424 -22.93 -6.62 -51.80
C VAL A 424 -21.87 -5.80 -51.07
N SER A 425 -21.28 -4.85 -51.77
CA SER A 425 -20.19 -3.97 -51.28
C SER A 425 -20.72 -2.54 -51.21
N SER A 426 -21.54 -2.25 -50.19
CA SER A 426 -22.06 -0.88 -49.93
C SER A 426 -22.64 -0.74 -48.53
N ASP A 427 -22.93 0.52 -48.19
CA ASP A 427 -23.62 0.97 -46.96
C ASP A 427 -25.03 0.39 -46.99
N MET A 428 -25.47 -0.23 -45.88
CA MET A 428 -26.83 -0.82 -45.79
C MET A 428 -27.89 0.30 -45.85
N ARG A 429 -27.50 1.53 -45.51
CA ARG A 429 -28.40 2.71 -45.59
C ARG A 429 -28.62 3.09 -47.06
N GLU A 430 -27.66 2.82 -47.94
CA GLU A 430 -27.66 3.27 -49.36
C GLU A 430 -28.24 2.18 -50.26
N TRP A 431 -27.78 0.93 -50.07
CA TRP A 431 -28.09 -0.24 -50.93
C TRP A 431 -29.57 -0.24 -51.30
N VAL A 432 -29.86 -0.21 -52.60
CA VAL A 432 -31.21 -0.52 -53.17
C VAL A 432 -31.23 -2.02 -53.45
N ALA A 433 -31.93 -2.79 -52.61
CA ALA A 433 -31.94 -4.27 -52.62
C ALA A 433 -32.85 -4.75 -53.75
N PRO A 434 -32.52 -5.88 -54.41
CA PRO A 434 -33.39 -6.43 -55.45
C PRO A 434 -34.72 -6.90 -54.82
N GLU A 435 -34.63 -7.78 -53.84
CA GLU A 435 -35.78 -8.36 -53.08
C GLU A 435 -35.70 -7.89 -51.63
N LYS A 436 -36.76 -8.11 -50.84
CA LYS A 436 -36.79 -7.83 -49.38
C LYS A 436 -36.29 -9.07 -48.63
N ALA A 437 -35.96 -8.93 -47.34
CA ALA A 437 -35.39 -10.00 -46.49
C ALA A 437 -36.45 -10.58 -45.55
N ASP A 438 -36.34 -11.89 -45.28
CA ASP A 438 -37.06 -12.61 -44.20
C ASP A 438 -36.35 -12.31 -42.88
N ILE A 439 -35.01 -12.35 -42.91
CA ILE A 439 -34.13 -12.17 -41.73
C ILE A 439 -32.97 -11.23 -42.10
N ILE A 440 -32.78 -10.14 -41.34
CA ILE A 440 -31.56 -9.30 -41.36
C ILE A 440 -30.73 -9.67 -40.14
N VAL A 441 -29.52 -10.18 -40.33
CA VAL A 441 -28.59 -10.62 -39.24
C VAL A 441 -27.42 -9.64 -39.12
N SER A 442 -27.31 -8.93 -37.99
CA SER A 442 -26.28 -7.88 -37.73
C SER A 442 -25.38 -8.26 -36.53
N GLU A 443 -24.30 -7.50 -36.32
CA GLU A 443 -23.19 -7.74 -35.35
C GLU A 443 -22.59 -6.37 -34.96
N LEU A 444 -23.36 -5.29 -35.11
CA LEU A 444 -22.89 -3.87 -35.12
C LEU A 444 -22.85 -3.32 -33.70
N LEU A 445 -22.76 -4.22 -32.72
CA LEU A 445 -22.91 -3.90 -31.28
C LEU A 445 -21.55 -3.53 -30.73
N GLY A 446 -21.50 -2.47 -29.92
CA GLY A 446 -20.31 -2.11 -29.13
C GLY A 446 -20.46 -2.51 -27.69
N SER A 447 -19.40 -2.35 -26.90
CA SER A 447 -19.38 -2.61 -25.44
C SER A 447 -20.58 -1.93 -24.79
N PHE A 448 -21.05 -0.79 -25.30
CA PHE A 448 -22.23 -0.07 -24.76
C PHE A 448 -23.44 -0.25 -25.69
N ALA A 449 -23.53 -1.40 -26.38
CA ALA A 449 -24.60 -1.78 -27.33
C ALA A 449 -24.64 -0.82 -28.52
N ASP A 450 -25.26 0.34 -28.32
CA ASP A 450 -25.64 1.29 -29.40
C ASP A 450 -24.50 2.25 -29.76
N ASN A 451 -23.29 2.06 -29.23
CA ASN A 451 -22.18 3.05 -29.36
C ASN A 451 -21.38 2.83 -30.65
N GLU A 452 -21.77 1.86 -31.48
CA GLU A 452 -21.22 1.73 -32.86
C GLU A 452 -22.32 2.09 -33.87
N LEU A 453 -23.50 2.45 -33.39
CA LEU A 453 -24.61 3.02 -34.19
C LEU A 453 -25.28 1.92 -35.02
N SER A 454 -25.38 0.72 -34.46
CA SER A 454 -26.34 -0.34 -34.89
C SER A 454 -27.73 0.25 -35.09
N PRO A 455 -28.28 1.08 -34.15
CA PRO A 455 -29.59 1.70 -34.37
C PRO A 455 -29.73 2.41 -35.72
N GLU A 456 -28.81 3.34 -36.02
CA GLU A 456 -28.90 4.22 -37.21
C GLU A 456 -28.71 3.36 -38.47
N CYS A 457 -27.87 2.33 -38.38
CA CYS A 457 -27.53 1.44 -39.51
C CYS A 457 -28.74 0.57 -39.86
N LEU A 458 -29.33 -0.13 -38.89
CA LEU A 458 -30.46 -1.06 -39.11
C LEU A 458 -31.76 -0.29 -39.36
N ASP A 459 -31.78 1.03 -39.13
CA ASP A 459 -32.92 1.92 -39.45
C ASP A 459 -32.92 2.21 -40.96
N GLY A 460 -31.77 2.57 -41.52
CA GLY A 460 -31.63 2.83 -42.96
C GLY A 460 -31.78 1.56 -43.78
N ALA A 461 -31.79 0.41 -43.11
CA ALA A 461 -31.81 -0.95 -43.72
C ALA A 461 -33.16 -1.62 -43.47
N GLN A 462 -34.13 -0.89 -42.91
CA GLN A 462 -35.43 -1.45 -42.46
C GLN A 462 -36.36 -1.56 -43.68
N HIS A 463 -36.28 -0.61 -44.60
CA HIS A 463 -37.16 -0.51 -45.79
C HIS A 463 -37.10 -1.80 -46.63
N PHE A 464 -35.98 -2.53 -46.65
CA PHE A 464 -35.84 -3.79 -47.44
C PHE A 464 -35.98 -5.02 -46.54
N LEU A 465 -36.65 -4.89 -45.40
CA LEU A 465 -37.18 -6.03 -44.60
C LEU A 465 -38.66 -6.22 -44.94
N LYS A 466 -39.09 -7.46 -45.13
CA LYS A 466 -40.51 -7.83 -45.39
C LYS A 466 -41.33 -7.41 -44.16
N ASP A 467 -42.61 -7.05 -44.36
CA ASP A 467 -43.50 -6.49 -43.32
C ASP A 467 -43.63 -7.47 -42.14
N ASP A 468 -43.21 -8.73 -42.30
CA ASP A 468 -43.26 -9.80 -41.25
C ASP A 468 -41.83 -10.28 -40.92
N GLY A 469 -40.81 -9.47 -41.22
CA GLY A 469 -39.39 -9.88 -41.13
C GLY A 469 -38.85 -9.79 -39.71
N VAL A 470 -37.93 -10.71 -39.37
CA VAL A 470 -37.14 -10.72 -38.11
C VAL A 470 -35.86 -9.91 -38.32
N SER A 471 -35.34 -9.27 -37.25
CA SER A 471 -33.90 -8.91 -37.08
C SER A 471 -33.28 -9.80 -36.02
N ILE A 472 -32.08 -10.33 -36.31
CA ILE A 472 -31.18 -10.96 -35.32
C ILE A 472 -29.95 -10.06 -35.20
N PRO A 473 -29.80 -9.25 -34.13
CA PRO A 473 -30.70 -9.28 -32.97
C PRO A 473 -31.92 -8.34 -33.10
N GLY A 474 -32.96 -8.61 -32.32
CA GLY A 474 -34.22 -7.83 -32.30
C GLY A 474 -34.22 -6.80 -31.18
N GLU A 475 -33.43 -7.03 -30.14
CA GLU A 475 -33.36 -6.15 -28.96
C GLU A 475 -31.92 -6.16 -28.43
N TYR A 476 -31.41 -4.98 -28.07
CA TYR A 476 -30.22 -4.82 -27.20
C TYR A 476 -30.49 -3.72 -26.18
N THR A 477 -29.76 -3.78 -25.06
CA THR A 477 -29.92 -2.87 -23.90
C THR A 477 -28.55 -2.63 -23.28
N SER A 478 -28.21 -1.35 -23.06
CA SER A 478 -26.96 -0.91 -22.38
C SER A 478 -27.17 -0.90 -20.86
N PHE A 479 -26.09 -1.13 -20.12
CA PHE A 479 -26.07 -1.14 -18.64
C PHE A 479 -24.91 -0.30 -18.14
N LEU A 480 -25.18 0.57 -17.16
CA LEU A 480 -24.18 1.42 -16.45
C LEU A 480 -24.12 0.98 -14.99
N ALA A 481 -22.94 1.09 -14.37
CA ALA A 481 -22.71 0.89 -12.92
C ALA A 481 -21.65 1.86 -12.45
N PRO A 482 -21.84 2.62 -11.35
CA PRO A 482 -20.80 3.52 -10.84
C PRO A 482 -19.63 2.72 -10.29
N ILE A 483 -18.39 3.19 -10.52
CA ILE A 483 -17.14 2.53 -10.03
C ILE A 483 -16.25 3.54 -9.32
N SER A 484 -15.43 3.02 -8.41
CA SER A 484 -14.28 3.69 -7.75
C SER A 484 -13.02 3.01 -8.27
N SER A 485 -12.08 3.80 -8.81
CA SER A 485 -10.71 3.37 -9.13
C SER A 485 -9.85 4.61 -9.29
N SER A 486 -9.13 4.97 -8.24
CA SER A 486 -8.12 6.07 -8.29
C SER A 486 -6.99 5.66 -9.23
N LYS A 487 -6.94 4.38 -9.61
CA LYS A 487 -5.97 3.82 -10.59
C LYS A 487 -6.39 4.22 -12.01
N LEU A 488 -7.60 3.85 -12.42
CA LEU A 488 -8.13 4.15 -13.78
C LEU A 488 -8.34 5.66 -13.91
N TYR A 489 -8.70 6.35 -12.82
CA TYR A 489 -8.88 7.82 -12.84
C TYR A 489 -7.54 8.49 -13.12
N ASN A 490 -6.43 7.82 -12.80
CA ASN A 490 -5.06 8.34 -13.01
C ASN A 490 -4.62 8.04 -14.44
N GLU A 491 -5.06 6.91 -15.00
CA GLU A 491 -4.75 6.46 -16.39
C GLU A 491 -5.39 7.43 -17.38
N VAL A 492 -6.63 7.86 -17.10
CA VAL A 492 -7.38 8.84 -17.92
C VAL A 492 -6.72 10.21 -17.78
N ARG A 493 -6.46 10.65 -16.55
CA ARG A 493 -5.70 11.90 -16.26
C ARG A 493 -4.43 11.95 -17.11
N ALA A 494 -3.74 10.82 -17.26
CA ALA A 494 -2.46 10.70 -18.01
C ALA A 494 -2.65 10.90 -19.52
N CYS A 495 -3.88 10.96 -20.03
CA CYS A 495 -4.16 10.91 -21.49
C CYS A 495 -4.31 12.33 -22.04
N ARG A 496 -3.92 13.36 -21.29
CA ARG A 496 -3.92 14.75 -21.82
C ARG A 496 -2.93 14.82 -22.98
N GLU A 497 -3.40 15.35 -24.12
CA GLU A 497 -2.63 15.52 -25.37
C GLU A 497 -2.58 17.01 -25.70
N LYS A 498 -1.47 17.46 -26.27
CA LYS A 498 -1.28 18.84 -26.78
C LYS A 498 -2.29 19.08 -27.90
N ASP A 499 -2.59 20.35 -28.17
CA ASP A 499 -3.43 20.79 -29.31
C ASP A 499 -4.89 20.31 -29.14
N ARG A 500 -5.39 20.22 -27.90
CA ARG A 500 -6.83 19.98 -27.61
C ARG A 500 -7.15 20.39 -26.17
N ASP A 501 -8.44 20.34 -25.80
CA ASP A 501 -8.88 20.64 -24.41
C ASP A 501 -7.99 19.85 -23.46
N PRO A 502 -7.48 20.50 -22.38
CA PRO A 502 -6.66 19.82 -21.38
C PRO A 502 -7.42 18.75 -20.59
N GLU A 503 -8.76 18.82 -20.56
CA GLU A 503 -9.64 17.89 -19.80
C GLU A 503 -10.38 16.96 -20.77
N ALA A 504 -10.26 17.16 -22.09
CA ALA A 504 -10.93 16.37 -23.15
C ALA A 504 -10.95 14.87 -22.83
N GLN A 505 -9.87 14.34 -22.24
CA GLN A 505 -9.66 12.89 -22.00
C GLN A 505 -10.70 12.33 -21.02
N PHE A 506 -11.33 13.18 -20.22
CA PHE A 506 -12.38 12.78 -19.24
C PHE A 506 -13.77 12.77 -19.91
N GLU A 507 -13.93 13.44 -21.04
CA GLU A 507 -15.24 13.63 -21.73
C GLU A 507 -15.34 12.63 -22.87
N MET A 508 -14.72 11.47 -22.74
CA MET A 508 -14.77 10.42 -23.78
C MET A 508 -14.72 9.04 -23.14
N PRO A 509 -15.44 8.06 -23.72
CA PRO A 509 -15.41 6.69 -23.22
C PRO A 509 -14.16 5.91 -23.68
N TYR A 510 -13.77 4.91 -22.91
CA TYR A 510 -12.64 3.98 -23.22
C TYR A 510 -13.15 2.54 -23.12
N VAL A 511 -12.87 1.71 -24.11
CA VAL A 511 -12.97 0.23 -23.96
C VAL A 511 -11.80 -0.18 -23.07
N VAL A 512 -12.05 -0.98 -22.03
CA VAL A 512 -11.03 -1.35 -21.01
C VAL A 512 -11.51 -2.58 -20.24
N ARG A 513 -10.63 -3.57 -20.09
CA ARG A 513 -10.83 -4.72 -19.18
C ARG A 513 -10.65 -4.20 -17.75
N LEU A 514 -11.70 -3.54 -17.22
CA LEU A 514 -11.77 -3.05 -15.81
C LEU A 514 -11.28 -4.15 -14.85
N HIS A 515 -10.51 -3.77 -13.84
CA HIS A 515 -9.71 -4.68 -12.97
C HIS A 515 -8.90 -3.80 -12.02
N ASN A 516 -8.98 -4.00 -10.71
CA ASN A 516 -8.52 -2.98 -9.73
C ASN A 516 -9.49 -1.80 -9.88
N PHE A 517 -10.73 -2.09 -9.51
CA PHE A 517 -11.88 -1.16 -9.48
C PHE A 517 -12.89 -1.76 -8.50
N HIS A 518 -13.90 -0.98 -8.16
CA HIS A 518 -14.90 -1.32 -7.13
C HIS A 518 -16.27 -0.97 -7.70
N GLN A 519 -17.08 -1.97 -8.01
CA GLN A 519 -18.50 -1.74 -8.38
C GLN A 519 -19.22 -1.26 -7.12
N LEU A 520 -19.77 -0.05 -7.16
CA LEU A 520 -20.37 0.63 -5.97
C LEU A 520 -21.87 0.37 -5.91
N SER A 521 -22.46 -0.17 -6.97
CA SER A 521 -23.91 -0.46 -7.06
C SER A 521 -24.13 -1.47 -8.19
N ALA A 522 -25.25 -2.20 -8.19
CA ALA A 522 -25.56 -3.19 -9.23
C ALA A 522 -25.92 -2.45 -10.52
N PRO A 523 -25.43 -2.93 -11.69
CA PRO A 523 -25.75 -2.30 -12.96
C PRO A 523 -27.26 -2.17 -13.11
N GLN A 524 -27.72 -1.04 -13.67
CA GLN A 524 -29.12 -0.85 -14.11
C GLN A 524 -29.08 -0.63 -15.62
N PRO A 525 -30.20 -0.84 -16.34
CA PRO A 525 -30.24 -0.61 -17.78
C PRO A 525 -30.32 0.90 -18.08
N CYS A 526 -29.67 1.31 -19.16
CA CYS A 526 -29.55 2.72 -19.61
C CYS A 526 -30.40 2.95 -20.86
N PHE A 527 -30.03 2.37 -22.01
CA PHE A 527 -30.73 2.54 -23.31
C PHE A 527 -31.02 1.19 -23.96
N THR A 528 -32.27 1.04 -24.40
CA THR A 528 -32.79 -0.16 -25.10
C THR A 528 -33.24 0.25 -26.51
N PHE A 529 -33.02 -0.62 -27.50
CA PHE A 529 -33.43 -0.45 -28.91
C PHE A 529 -34.01 -1.78 -29.43
N SER A 530 -35.08 -1.69 -30.22
CA SER A 530 -35.77 -2.82 -30.89
C SER A 530 -35.54 -2.74 -32.39
N HIS A 531 -35.45 -3.89 -33.07
CA HIS A 531 -35.38 -4.03 -34.56
C HIS A 531 -36.19 -5.25 -35.00
N PRO A 532 -37.15 -5.09 -35.94
CA PRO A 532 -37.53 -3.79 -36.49
C PRO A 532 -38.18 -2.84 -35.48
N ASN A 533 -37.98 -1.53 -35.68
CA ASN A 533 -38.59 -0.43 -34.89
C ASN A 533 -39.72 0.18 -35.73
N ARG A 534 -40.89 -0.46 -35.72
CA ARG A 534 -42.05 -0.14 -36.60
C ARG A 534 -42.56 1.27 -36.29
N ASP A 535 -42.27 1.78 -35.08
CA ASP A 535 -42.64 3.14 -34.56
C ASP A 535 -42.71 4.15 -35.69
N PRO A 536 -43.83 4.92 -35.82
CA PRO A 536 -43.94 5.98 -36.81
C PRO A 536 -43.00 7.18 -36.59
N MET A 537 -42.80 7.57 -35.32
CA MET A 537 -41.91 8.68 -34.90
C MET A 537 -40.57 8.08 -34.41
N ILE A 538 -39.80 7.48 -35.33
CA ILE A 538 -38.44 6.92 -35.08
C ILE A 538 -37.56 8.06 -34.56
N ASP A 539 -37.21 8.02 -33.26
CA ASP A 539 -36.18 8.91 -32.66
C ASP A 539 -35.20 8.01 -31.87
N ASN A 540 -33.90 8.18 -32.11
CA ASN A 540 -32.82 7.32 -31.55
C ASN A 540 -32.04 8.07 -30.47
N ASN A 541 -32.35 9.36 -30.22
CA ASN A 541 -31.90 10.15 -29.04
C ASN A 541 -32.62 9.67 -27.77
N ARG A 542 -32.02 9.90 -26.61
CA ARG A 542 -32.47 9.32 -25.31
C ARG A 542 -32.02 10.19 -24.14
N TYR A 543 -32.86 10.27 -23.10
CA TYR A 543 -32.56 10.85 -21.78
C TYR A 543 -33.02 9.83 -20.73
N CYS A 544 -32.06 9.20 -20.06
CA CYS A 544 -32.31 8.22 -18.97
C CYS A 544 -31.69 8.76 -17.69
N THR A 545 -32.47 8.79 -16.60
CA THR A 545 -31.96 9.10 -15.24
C THR A 545 -31.83 7.79 -14.46
N LEU A 546 -30.69 7.58 -13.81
CA LEU A 546 -30.44 6.40 -12.93
C LEU A 546 -30.13 6.88 -11.50
N GLU A 547 -30.57 6.08 -10.53
CA GLU A 547 -30.38 6.28 -9.07
C GLU A 547 -29.71 5.03 -8.50
N PHE A 548 -28.48 5.15 -8.03
CA PHE A 548 -27.61 4.02 -7.57
C PHE A 548 -27.53 4.03 -6.05
N PRO A 549 -28.15 3.03 -5.35
CA PRO A 549 -27.90 2.85 -3.93
C PRO A 549 -26.44 2.45 -3.70
N VAL A 550 -25.75 3.18 -2.82
CA VAL A 550 -24.33 2.92 -2.44
C VAL A 550 -24.29 2.64 -0.93
N GLU A 551 -23.79 1.47 -0.55
CA GLU A 551 -23.81 0.96 0.86
C GLU A 551 -22.39 0.89 1.43
N VAL A 552 -21.46 1.71 0.92
CA VAL A 552 -20.06 1.85 1.45
C VAL A 552 -19.64 3.32 1.37
N ASN A 553 -18.65 3.72 2.16
CA ASN A 553 -17.86 4.97 1.90
C ASN A 553 -16.92 4.61 0.75
N THR A 554 -16.69 5.54 -0.19
CA THR A 554 -15.88 5.31 -1.41
C THR A 554 -15.71 6.63 -2.17
N VAL A 555 -15.03 6.59 -3.33
CA VAL A 555 -14.84 7.77 -4.22
C VAL A 555 -15.19 7.37 -5.65
N LEU A 556 -16.18 8.05 -6.23
CA LEU A 556 -16.67 7.87 -7.63
C LEU A 556 -15.58 8.37 -8.59
N HIS A 557 -15.22 7.58 -9.60
CA HIS A 557 -14.24 7.98 -10.65
C HIS A 557 -14.86 7.85 -12.05
N GLY A 558 -16.06 7.27 -12.16
CA GLY A 558 -16.73 7.06 -13.46
C GLY A 558 -17.75 5.94 -13.41
N PHE A 559 -18.28 5.56 -14.58
CA PHE A 559 -19.35 4.56 -14.76
C PHE A 559 -18.85 3.52 -15.76
N ALA A 560 -18.83 2.25 -15.36
CA ALA A 560 -18.67 1.07 -16.25
C ALA A 560 -19.94 0.88 -17.06
N GLY A 561 -19.78 0.66 -18.36
CA GLY A 561 -20.87 0.31 -19.29
C GLY A 561 -20.70 -1.10 -19.81
N TYR A 562 -21.80 -1.86 -19.83
CA TYR A 562 -21.89 -3.21 -20.41
C TYR A 562 -23.15 -3.22 -21.29
N PHE A 563 -23.48 -4.37 -21.88
CA PHE A 563 -24.71 -4.53 -22.71
C PHE A 563 -25.22 -5.97 -22.65
N GLU A 564 -26.51 -6.12 -22.96
CA GLU A 564 -27.19 -7.40 -23.25
C GLU A 564 -27.95 -7.23 -24.56
N THR A 565 -28.06 -8.33 -25.32
CA THR A 565 -28.86 -8.37 -26.58
C THR A 565 -29.58 -9.71 -26.69
N VAL A 566 -30.82 -9.62 -27.19
CA VAL A 566 -31.68 -10.76 -27.61
C VAL A 566 -31.42 -10.95 -29.10
N LEU A 567 -30.72 -12.03 -29.45
CA LEU A 567 -30.48 -12.42 -30.86
C LEU A 567 -31.82 -12.85 -31.47
N TYR A 568 -32.42 -13.91 -30.92
CA TYR A 568 -33.79 -14.40 -31.22
C TYR A 568 -34.34 -15.12 -29.98
N GLN A 569 -35.53 -14.71 -29.53
CA GLN A 569 -36.27 -15.29 -28.37
C GLN A 569 -35.35 -15.42 -27.14
N ASP A 570 -34.92 -16.64 -26.79
CA ASP A 570 -34.17 -16.92 -25.53
C ASP A 570 -32.70 -17.20 -25.84
N ILE A 571 -32.25 -16.94 -27.07
CA ILE A 571 -30.79 -16.92 -27.38
C ILE A 571 -30.29 -15.47 -27.24
N THR A 572 -29.34 -15.24 -26.35
CA THR A 572 -28.88 -13.89 -25.95
C THR A 572 -27.36 -13.85 -25.76
N LEU A 573 -26.81 -12.65 -25.91
CA LEU A 573 -25.41 -12.32 -25.53
C LEU A 573 -25.44 -11.24 -24.44
N SER A 574 -24.49 -11.34 -23.52
CA SER A 574 -24.32 -10.41 -22.37
C SER A 574 -22.83 -10.25 -22.02
N ILE A 575 -22.40 -9.03 -21.71
CA ILE A 575 -21.08 -8.81 -21.04
C ILE A 575 -21.32 -8.19 -19.66
N ARG A 576 -22.60 -8.04 -19.29
CA ARG A 576 -23.08 -7.60 -17.94
C ARG A 576 -22.64 -8.66 -16.93
N PRO A 577 -21.71 -8.36 -16.00
CA PRO A 577 -20.98 -9.40 -15.27
C PRO A 577 -21.89 -10.44 -14.60
N GLU A 578 -23.06 -10.00 -14.14
CA GLU A 578 -24.10 -10.88 -13.52
C GLU A 578 -24.54 -11.98 -14.51
N THR A 579 -24.88 -11.61 -15.75
CA THR A 579 -25.51 -12.50 -16.77
C THR A 579 -24.54 -12.79 -17.91
N HIS A 580 -23.24 -12.59 -17.68
CA HIS A 580 -22.17 -12.61 -18.71
C HIS A 580 -22.17 -13.95 -19.45
N SER A 581 -22.52 -13.94 -20.74
CA SER A 581 -22.37 -15.11 -21.65
C SER A 581 -21.04 -15.80 -21.29
N PRO A 582 -21.04 -17.10 -20.94
CA PRO A 582 -19.81 -17.74 -20.46
C PRO A 582 -18.80 -17.94 -21.60
N GLY A 583 -17.55 -17.53 -21.36
CA GLY A 583 -16.39 -17.82 -22.23
C GLY A 583 -16.43 -17.05 -23.54
N MET A 584 -16.98 -15.83 -23.53
CA MET A 584 -17.16 -14.97 -24.73
C MET A 584 -16.30 -13.70 -24.60
N PHE A 585 -15.30 -13.57 -25.46
CA PHE A 585 -14.21 -12.56 -25.36
C PHE A 585 -14.12 -11.75 -26.65
N SER A 586 -15.25 -11.20 -27.09
CA SER A 586 -15.34 -10.24 -28.22
C SER A 586 -15.46 -8.81 -27.70
N TRP A 587 -16.05 -8.63 -26.51
CA TRP A 587 -16.30 -7.29 -25.93
C TRP A 587 -15.67 -7.19 -24.54
N PHE A 588 -14.98 -6.09 -24.26
CA PHE A 588 -14.63 -5.63 -22.88
C PHE A 588 -15.62 -4.53 -22.49
N PRO A 589 -15.77 -4.22 -21.20
CA PRO A 589 -16.65 -3.13 -20.78
C PRO A 589 -16.09 -1.79 -21.29
N ILE A 590 -16.97 -0.80 -21.34
CA ILE A 590 -16.63 0.60 -21.66
C ILE A 590 -16.54 1.34 -20.32
N LEU A 591 -15.81 2.47 -20.28
CA LEU A 591 -15.66 3.34 -19.07
C LEU A 591 -15.99 4.78 -19.44
N PHE A 592 -17.00 5.38 -18.80
CA PHE A 592 -17.34 6.82 -18.87
C PHE A 592 -16.76 7.52 -17.65
N PRO A 593 -15.56 8.12 -17.73
CA PRO A 593 -14.95 8.75 -16.56
C PRO A 593 -15.67 10.07 -16.28
N ILE A 594 -15.30 10.72 -15.18
CA ILE A 594 -15.72 12.09 -14.80
C ILE A 594 -14.47 12.86 -14.35
N LYS A 595 -14.49 14.19 -14.49
CA LYS A 595 -13.30 15.08 -14.40
C LYS A 595 -12.80 15.14 -12.95
N GLN A 596 -13.70 15.45 -12.01
CA GLN A 596 -13.37 15.53 -10.57
C GLN A 596 -13.98 14.32 -9.87
N PRO A 597 -13.19 13.52 -9.13
CA PRO A 597 -13.72 12.39 -8.38
C PRO A 597 -14.72 12.90 -7.34
N ILE A 598 -15.75 12.12 -7.02
CA ILE A 598 -16.85 12.52 -6.10
C ILE A 598 -16.86 11.58 -4.89
N THR A 599 -16.71 12.16 -3.70
CA THR A 599 -16.86 11.48 -2.38
C THR A 599 -18.32 10.99 -2.26
N VAL A 600 -18.51 9.75 -1.83
CA VAL A 600 -19.85 9.15 -1.60
C VAL A 600 -19.83 8.45 -0.23
N ARG A 601 -20.61 8.97 0.72
CA ARG A 601 -20.75 8.44 2.09
C ARG A 601 -21.82 7.35 2.10
N GLU A 602 -21.50 6.18 2.68
CA GLU A 602 -22.42 5.02 2.91
C GLU A 602 -23.87 5.48 3.08
N GLY A 603 -24.79 4.85 2.36
CA GLY A 603 -26.23 5.13 2.42
C GLY A 603 -26.65 6.22 1.45
N GLN A 604 -25.71 7.04 0.96
CA GLN A 604 -26.00 8.07 -0.05
C GLN A 604 -26.31 7.38 -1.38
N THR A 605 -26.99 8.11 -2.26
CA THR A 605 -27.38 7.67 -3.62
C THR A 605 -26.54 8.45 -4.63
N ILE A 606 -25.88 7.74 -5.56
CA ILE A 606 -25.27 8.31 -6.80
C ILE A 606 -26.38 8.41 -7.85
N CYS A 607 -26.81 9.63 -8.20
CA CYS A 607 -27.72 9.90 -9.34
C CYS A 607 -26.90 10.32 -10.55
N VAL A 608 -26.92 9.53 -11.62
CA VAL A 608 -26.24 9.86 -12.91
C VAL A 608 -27.31 10.06 -13.99
N ARG A 609 -27.00 10.92 -14.95
CA ARG A 609 -27.86 11.26 -16.09
C ARG A 609 -27.06 10.95 -17.35
N PHE A 610 -27.67 10.31 -18.33
CA PHE A 610 -27.06 10.02 -19.64
C PHE A 610 -28.02 10.45 -20.76
N TRP A 611 -27.44 11.11 -21.76
CA TRP A 611 -28.11 11.45 -23.05
C TRP A 611 -27.34 10.79 -24.20
N ARG A 612 -28.04 10.03 -25.06
CA ARG A 612 -27.61 9.71 -26.45
C ARG A 612 -28.08 10.87 -27.32
N CYS A 613 -27.17 11.51 -28.05
CA CYS A 613 -27.43 12.72 -28.87
C CYS A 613 -27.05 12.43 -30.32
N SER A 614 -27.58 13.20 -31.27
CA SER A 614 -27.22 13.08 -32.70
C SER A 614 -27.67 14.31 -33.49
N ASN A 615 -26.92 14.61 -34.56
CA ASN A 615 -27.35 15.44 -35.72
C ASN A 615 -27.28 14.52 -36.96
N SER A 616 -27.27 15.12 -38.17
CA SER A 616 -27.21 14.40 -39.48
C SER A 616 -25.93 13.55 -39.58
N LYS A 617 -24.84 14.01 -38.95
CA LYS A 617 -23.44 13.56 -39.19
C LYS A 617 -22.88 12.76 -38.00
N LYS A 618 -23.16 13.18 -36.76
CA LYS A 618 -22.52 12.67 -35.52
C LYS A 618 -23.57 12.07 -34.57
N VAL A 619 -23.18 11.02 -33.85
CA VAL A 619 -23.87 10.50 -32.62
C VAL A 619 -22.89 10.63 -31.46
N TRP A 620 -23.37 10.95 -30.26
CA TRP A 620 -22.48 11.07 -29.09
C TRP A 620 -23.27 10.90 -27.78
N TYR A 621 -22.57 10.65 -26.69
CA TYR A 621 -23.14 10.64 -25.32
C TYR A 621 -22.69 11.91 -24.59
N GLU A 622 -23.63 12.58 -23.93
CA GLU A 622 -23.36 13.55 -22.82
C GLU A 622 -23.76 12.83 -21.52
N TRP A 623 -23.09 13.10 -20.38
CA TRP A 623 -23.43 12.48 -19.07
C TRP A 623 -23.10 13.44 -17.92
N ALA A 624 -23.88 13.36 -16.84
CA ALA A 624 -23.77 14.22 -15.63
C ALA A 624 -24.09 13.41 -14.39
N VAL A 625 -23.45 13.75 -13.27
CA VAL A 625 -23.78 13.25 -11.90
C VAL A 625 -24.57 14.37 -11.23
N THR A 626 -25.75 14.09 -10.67
CA THR A 626 -26.65 15.11 -10.04
C THR A 626 -26.77 14.89 -8.53
N ALA A 627 -26.24 13.77 -7.99
CA ALA A 627 -26.26 13.43 -6.55
C ALA A 627 -25.16 12.42 -6.24
N PRO A 628 -24.51 12.48 -5.05
CA PRO A 628 -24.85 13.43 -3.99
C PRO A 628 -24.46 14.90 -4.25
N VAL A 629 -23.52 15.14 -5.16
CA VAL A 629 -23.14 16.49 -5.67
C VAL A 629 -23.40 16.49 -7.19
N CYS A 630 -23.45 17.67 -7.82
CA CYS A 630 -23.53 17.80 -9.30
C CYS A 630 -22.12 17.86 -9.89
N SER A 631 -21.87 17.00 -10.88
CA SER A 631 -20.71 17.09 -11.81
C SER A 631 -21.01 18.14 -12.86
N ALA A 632 -19.99 18.49 -13.65
CA ALA A 632 -20.17 19.24 -14.91
C ALA A 632 -20.74 18.26 -15.93
N ILE A 633 -21.59 18.74 -16.84
CA ILE A 633 -22.09 17.93 -17.98
C ILE A 633 -20.88 17.57 -18.83
N HIS A 634 -20.67 16.29 -19.11
CA HIS A 634 -19.47 15.80 -19.83
C HIS A 634 -19.78 15.75 -21.33
N ASN A 635 -18.85 16.22 -22.16
CA ASN A 635 -18.88 16.10 -23.63
C ASN A 635 -20.10 16.81 -24.21
N PRO A 636 -20.48 18.03 -23.75
CA PRO A 636 -21.60 18.75 -24.35
C PRO A 636 -21.35 19.05 -25.83
N THR A 637 -22.37 18.87 -26.67
CA THR A 637 -22.33 19.13 -28.14
C THR A 637 -21.28 18.23 -28.82
N GLY A 638 -20.89 17.11 -28.20
CA GLY A 638 -19.87 16.18 -28.69
C GLY A 638 -18.49 16.82 -28.84
N ARG A 639 -18.22 17.94 -28.17
CA ARG A 639 -16.97 18.73 -28.36
C ARG A 639 -15.74 17.82 -28.25
N SER A 640 -15.73 16.88 -27.32
CA SER A 640 -14.56 16.02 -26.97
C SER A 640 -14.66 14.62 -27.61
N TYR A 641 -15.86 14.09 -27.83
CA TYR A 641 -16.05 12.75 -28.40
C TYR A 641 -17.36 12.70 -29.21
N THR A 642 -17.25 12.31 -30.48
CA THR A 642 -18.41 12.00 -31.34
C THR A 642 -18.16 10.66 -32.05
N ILE A 643 -19.23 10.10 -32.60
CA ILE A 643 -19.21 8.84 -33.40
C ILE A 643 -19.76 9.18 -34.79
N GLY A 644 -18.99 8.86 -35.84
CA GLY A 644 -19.32 9.24 -37.22
C GLY A 644 -20.45 8.38 -37.75
N LEU A 645 -21.44 9.01 -38.39
CA LEU A 645 -22.51 8.32 -39.16
C LEU A 645 -21.99 8.03 -40.57
N MET B 35 37.81 0.26 17.84
CA MET B 35 36.52 0.69 18.44
C MET B 35 35.71 1.49 17.42
N GLU B 36 34.37 1.38 17.49
CA GLU B 36 33.38 2.12 16.66
C GLU B 36 33.33 3.59 17.12
N ARG B 37 32.94 4.50 16.22
CA ARG B 37 33.00 5.98 16.42
C ARG B 37 31.91 6.44 17.42
N GLN B 38 30.73 5.84 17.39
CA GLN B 38 29.52 6.36 18.10
C GLN B 38 29.33 5.63 19.44
N LEU B 39 29.70 6.28 20.54
CA LEU B 39 29.55 5.75 21.92
C LEU B 39 28.09 5.95 22.35
N GLU B 40 27.40 4.86 22.72
CA GLU B 40 25.95 4.85 23.02
C GLU B 40 25.69 4.79 24.54
N ALA B 41 26.37 3.87 25.24
CA ALA B 41 26.14 3.51 26.66
C ALA B 41 27.42 3.70 27.49
N ALA B 42 27.27 4.14 28.75
CA ALA B 42 28.36 4.35 29.74
C ALA B 42 27.83 4.09 31.16
N ARG B 43 28.20 2.95 31.76
CA ARG B 43 27.66 2.44 33.05
C ARG B 43 28.80 1.97 33.98
N TYR B 44 28.99 2.67 35.12
CA TYR B 44 29.90 2.26 36.22
C TYR B 44 29.30 1.08 36.99
N ARG B 45 30.13 0.08 37.30
CA ARG B 45 29.81 -1.11 38.14
C ARG B 45 29.91 -0.71 39.62
N SER B 46 29.53 -1.60 40.55
CA SER B 46 29.65 -1.37 42.02
C SER B 46 31.05 -0.87 42.34
N ASP B 47 32.09 -1.52 41.79
CA ASP B 47 33.51 -1.43 42.20
C ASP B 47 34.25 -0.25 41.54
N GLY B 48 33.75 0.31 40.43
CA GLY B 48 34.32 1.53 39.79
C GLY B 48 34.79 1.30 38.36
N ALA B 49 34.62 0.08 37.84
CA ALA B 49 34.92 -0.32 36.43
C ALA B 49 33.90 0.33 35.50
N LEU B 50 34.33 0.75 34.31
CA LEU B 50 33.50 1.49 33.32
C LEU B 50 33.12 0.56 32.16
N LEU B 51 31.81 0.34 31.95
CA LEU B 51 31.25 -0.42 30.80
C LEU B 51 30.90 0.55 29.68
N LEU B 52 31.37 0.27 28.46
CA LEU B 52 31.14 1.07 27.23
C LEU B 52 30.47 0.20 26.16
N GLY B 53 29.26 0.59 25.76
CA GLY B 53 28.61 0.14 24.52
C GLY B 53 28.80 1.18 23.45
N ALA B 54 29.03 0.76 22.21
CA ALA B 54 29.29 1.66 21.06
C ALA B 54 28.78 1.00 19.78
N SER B 55 28.31 1.83 18.84
CA SER B 55 27.72 1.43 17.53
C SER B 55 28.52 2.08 16.41
N SER B 56 28.60 1.41 15.25
CA SER B 56 28.90 2.00 13.92
C SER B 56 27.58 2.50 13.30
N LEU B 57 27.44 3.82 13.19
CA LEU B 57 26.22 4.49 12.65
C LEU B 57 26.51 5.12 11.27
N SER B 58 27.68 4.82 10.71
CA SER B 58 28.11 5.28 9.35
C SER B 58 29.34 4.46 8.93
N GLY B 59 29.56 4.31 7.61
CA GLY B 59 30.67 3.54 7.02
C GLY B 59 30.21 2.18 6.55
N ARG B 60 31.16 1.32 6.15
CA ARG B 60 30.88 0.03 5.47
C ARG B 60 30.11 -0.89 6.43
N CYS B 61 30.63 -1.14 7.63
CA CYS B 61 30.04 -2.05 8.65
C CYS B 61 29.26 -1.23 9.67
N TRP B 62 28.01 -1.62 9.94
CA TRP B 62 27.08 -0.94 10.88
C TRP B 62 26.92 -1.81 12.13
N ALA B 63 28.04 -2.21 12.73
CA ALA B 63 28.10 -3.16 13.86
C ALA B 63 28.10 -2.41 15.20
N GLY B 64 28.52 -3.10 16.26
CA GLY B 64 28.66 -2.56 17.62
C GLY B 64 29.62 -3.39 18.45
N SER B 65 29.90 -2.94 19.67
CA SER B 65 30.94 -3.52 20.55
C SER B 65 30.67 -3.14 22.02
N LEU B 66 31.16 -3.98 22.94
CA LEU B 66 31.07 -3.80 24.40
C LEU B 66 32.50 -3.85 24.97
N TRP B 67 32.90 -2.83 25.72
CA TRP B 67 34.26 -2.73 26.33
C TRP B 67 34.14 -2.48 27.84
N LEU B 68 35.06 -3.05 28.63
CA LEU B 68 35.23 -2.78 30.08
C LEU B 68 36.58 -2.11 30.32
N PHE B 69 36.62 -1.07 31.16
CA PHE B 69 37.80 -0.22 31.46
C PHE B 69 38.00 -0.10 32.97
N LYS B 70 38.79 -1.02 33.53
CA LYS B 70 39.13 -1.08 34.98
C LYS B 70 39.85 0.22 35.36
N ASP B 71 40.61 0.80 34.41
CA ASP B 71 41.05 2.22 34.45
C ASP B 71 39.98 3.06 33.75
N PRO B 72 39.16 3.84 34.49
CA PRO B 72 38.13 4.68 33.85
C PRO B 72 38.71 5.90 33.11
N CYS B 73 39.91 6.34 33.49
CA CYS B 73 40.63 7.49 32.87
C CYS B 73 41.31 7.08 31.56
N ALA B 74 41.44 5.78 31.30
CA ALA B 74 42.14 5.19 30.12
C ALA B 74 41.25 5.17 28.88
N ALA B 75 39.93 5.28 29.04
CA ALA B 75 38.92 5.27 27.94
C ALA B 75 38.92 6.63 27.24
N PRO B 76 38.60 6.69 25.93
CA PRO B 76 38.10 5.55 25.15
C PRO B 76 39.11 4.55 24.55
N ASN B 77 40.41 4.69 24.84
CA ASN B 77 41.56 4.06 24.13
C ASN B 77 41.52 2.52 24.22
N GLU B 78 41.35 1.84 23.07
CA GLU B 78 41.26 0.35 22.96
C GLU B 78 42.48 -0.34 23.57
N GLY B 79 43.67 0.24 23.41
CA GLY B 79 44.97 -0.35 23.80
C GLY B 79 45.10 -0.54 25.30
N PHE B 80 44.52 0.37 26.10
CA PHE B 80 44.48 0.32 27.58
C PHE B 80 43.04 0.00 28.05
N CYS B 81 42.51 -1.16 27.65
CA CYS B 81 41.16 -1.67 28.05
C CYS B 81 41.32 -3.06 28.71
N SER B 82 40.46 -3.37 29.69
CA SER B 82 40.50 -4.61 30.50
C SER B 82 39.90 -5.79 29.73
N ALA B 83 38.91 -5.54 28.86
CA ALA B 83 38.19 -6.55 28.05
C ALA B 83 37.25 -5.86 27.06
N GLY B 84 37.11 -6.40 25.84
CA GLY B 84 36.23 -5.88 24.77
C GLY B 84 35.75 -6.99 23.83
N VAL B 85 34.69 -6.73 23.07
CA VAL B 85 34.08 -7.74 22.13
C VAL B 85 33.29 -7.04 21.02
N GLN B 86 33.17 -7.72 19.87
CA GLN B 86 32.38 -7.31 18.68
C GLN B 86 31.02 -8.03 18.72
N THR B 87 29.92 -7.27 18.62
CA THR B 87 28.53 -7.79 18.44
C THR B 87 28.22 -7.94 16.95
N GLU B 88 27.30 -8.84 16.61
CA GLU B 88 26.72 -8.99 15.24
C GLU B 88 26.36 -7.62 14.66
N ALA B 89 25.78 -6.74 15.48
CA ALA B 89 25.13 -5.47 15.05
C ALA B 89 25.09 -4.48 16.22
N GLY B 90 24.77 -3.22 15.89
CA GLY B 90 24.88 -2.05 16.79
C GLY B 90 24.19 -2.27 18.12
N VAL B 91 24.29 -1.28 18.99
CA VAL B 91 23.72 -1.32 20.36
C VAL B 91 22.97 0.00 20.59
N ALA B 92 21.68 -0.11 20.90
CA ALA B 92 20.75 1.03 21.09
C ALA B 92 20.72 1.41 22.58
N ASP B 93 20.73 0.43 23.48
CA ASP B 93 20.79 0.63 24.95
C ASP B 93 21.52 -0.56 25.57
N LEU B 94 22.00 -0.36 26.79
CA LEU B 94 22.88 -1.30 27.55
C LEU B 94 22.62 -1.12 29.04
N THR B 95 22.71 -2.21 29.81
CA THR B 95 22.59 -2.20 31.29
C THR B 95 23.36 -3.38 31.89
N TRP B 96 23.92 -3.16 33.08
CA TRP B 96 24.55 -4.20 33.94
C TRP B 96 23.46 -5.17 34.42
N VAL B 97 23.75 -6.47 34.44
CA VAL B 97 22.91 -7.53 35.08
C VAL B 97 23.72 -8.06 36.27
N GLY B 98 23.82 -7.23 37.31
CA GLY B 98 24.65 -7.48 38.50
C GLY B 98 26.08 -7.00 38.28
N GLU B 99 27.03 -7.94 38.22
CA GLU B 99 28.49 -7.66 38.33
C GLU B 99 29.28 -8.25 37.15
N ARG B 100 28.83 -9.38 36.58
CA ARG B 100 29.45 -10.03 35.38
C ARG B 100 28.46 -10.07 34.21
N GLY B 101 27.28 -9.48 34.35
CA GLY B 101 26.20 -9.59 33.35
C GLY B 101 26.01 -8.29 32.58
N ILE B 102 25.90 -8.37 31.26
CA ILE B 102 25.66 -7.20 30.37
C ILE B 102 24.45 -7.51 29.47
N LEU B 103 23.36 -6.72 29.61
CA LEU B 103 22.13 -6.88 28.80
C LEU B 103 22.12 -5.80 27.70
N VAL B 104 21.95 -6.24 26.44
CA VAL B 104 22.16 -5.40 25.23
C VAL B 104 20.86 -5.35 24.43
N ALA B 105 20.49 -4.15 23.96
CA ALA B 105 19.39 -3.91 23.01
C ALA B 105 19.96 -3.77 21.59
N SER B 106 19.87 -4.83 20.78
CA SER B 106 20.48 -4.93 19.42
C SER B 106 19.51 -4.38 18.36
N ASP B 107 20.07 -3.66 17.37
CA ASP B 107 19.37 -3.28 16.11
C ASP B 107 18.66 -4.53 15.55
N SER B 108 19.31 -5.69 15.63
CA SER B 108 18.91 -6.97 14.97
C SER B 108 17.50 -7.41 15.41
N GLY B 109 16.98 -6.81 16.50
CA GLY B 109 15.69 -7.17 17.11
C GLY B 109 15.88 -8.18 18.22
N ALA B 110 17.12 -8.60 18.44
CA ALA B 110 17.53 -9.52 19.52
C ALA B 110 17.84 -8.71 20.79
N VAL B 111 17.50 -9.31 21.95
CA VAL B 111 18.10 -8.95 23.27
C VAL B 111 19.24 -9.94 23.52
N GLU B 112 20.40 -9.42 23.93
CA GLU B 112 21.67 -10.19 24.12
C GLU B 112 22.09 -10.08 25.59
N LEU B 113 22.34 -11.22 26.23
CA LEU B 113 23.02 -11.29 27.54
C LEU B 113 24.46 -11.78 27.34
N TRP B 114 25.41 -10.94 27.73
CA TRP B 114 26.86 -11.21 27.66
C TRP B 114 27.36 -11.45 29.10
N GLU B 115 27.93 -12.64 29.32
CA GLU B 115 28.60 -13.05 30.60
C GLU B 115 30.07 -12.62 30.50
N LEU B 116 30.57 -11.95 31.55
CA LEU B 116 32.02 -11.67 31.72
C LEU B 116 32.75 -13.01 31.95
N ASP B 117 34.05 -13.05 31.70
CA ASP B 117 34.93 -14.22 31.92
C ASP B 117 35.10 -14.44 33.42
N GLU B 118 35.59 -15.61 33.82
CA GLU B 118 35.92 -15.97 35.24
C GLU B 118 37.11 -15.10 35.73
N ASN B 119 37.90 -14.55 34.81
CA ASN B 119 39.06 -13.65 35.10
C ASN B 119 38.76 -12.19 34.70
N GLU B 120 37.68 -11.97 33.94
CA GLU B 120 37.25 -10.63 33.42
C GLU B 120 38.27 -10.12 32.40
N THR B 121 38.72 -11.01 31.50
CA THR B 121 39.54 -10.69 30.31
C THR B 121 38.66 -10.78 29.06
N LEU B 122 37.72 -11.73 29.02
CA LEU B 122 36.80 -12.02 27.88
C LEU B 122 35.37 -11.54 28.20
N ILE B 123 34.55 -11.35 27.17
CA ILE B 123 33.08 -11.08 27.25
C ILE B 123 32.38 -12.06 26.32
N VAL B 124 31.68 -13.06 26.85
CA VAL B 124 31.15 -14.23 26.08
C VAL B 124 29.62 -14.15 26.00
N SER B 125 29.07 -14.39 24.80
CA SER B 125 27.61 -14.36 24.52
C SER B 125 26.93 -15.47 25.31
N LYS B 126 26.13 -15.11 26.31
CA LYS B 126 25.34 -16.07 27.14
C LYS B 126 24.13 -16.51 26.31
N PHE B 127 23.28 -15.56 25.89
CA PHE B 127 22.15 -15.78 24.95
C PHE B 127 21.96 -14.54 24.06
N CYS B 128 21.30 -14.77 22.92
CA CYS B 128 20.98 -13.78 21.87
C CYS B 128 19.65 -14.22 21.23
N LYS B 129 18.51 -13.74 21.74
CA LYS B 129 17.16 -14.23 21.37
C LYS B 129 16.43 -13.20 20.48
N TYR B 130 16.18 -13.57 19.22
CA TYR B 130 15.49 -12.75 18.20
C TYR B 130 13.99 -12.83 18.44
N GLU B 131 13.45 -11.94 19.27
CA GLU B 131 12.02 -11.99 19.70
C GLU B 131 11.27 -10.71 19.29
N HIS B 132 11.94 -9.56 19.18
CA HIS B 132 11.37 -8.30 18.61
C HIS B 132 11.45 -8.34 17.07
N ASP B 133 10.63 -7.53 16.39
CA ASP B 133 10.47 -7.50 14.92
C ASP B 133 11.13 -6.25 14.34
N ASP B 134 11.86 -5.51 15.17
CA ASP B 134 12.45 -4.20 14.81
C ASP B 134 13.44 -3.84 15.92
N ILE B 135 14.33 -2.89 15.64
CA ILE B 135 15.34 -2.36 16.59
C ILE B 135 14.77 -2.45 18.01
N VAL B 136 15.45 -3.21 18.88
CA VAL B 136 15.33 -3.09 20.37
C VAL B 136 16.04 -1.80 20.75
N SER B 137 15.31 -0.81 21.27
CA SER B 137 15.75 0.60 21.45
C SER B 137 16.05 0.91 22.91
N THR B 138 15.62 0.05 23.86
CA THR B 138 15.78 0.28 25.33
C THR B 138 15.66 -1.05 26.10
N VAL B 139 16.54 -1.22 27.10
CA VAL B 139 16.46 -2.27 28.16
C VAL B 139 16.67 -1.62 29.53
N SER B 140 16.24 -2.35 30.56
CA SER B 140 16.19 -1.98 31.99
C SER B 140 16.10 -3.27 32.80
N VAL B 141 16.95 -3.46 33.82
CA VAL B 141 16.90 -4.66 34.70
C VAL B 141 16.00 -4.35 35.90
N LEU B 142 15.16 -5.32 36.28
CA LEU B 142 14.18 -5.18 37.39
C LEU B 142 14.90 -5.34 38.74
N SER B 143 14.31 -4.83 39.82
CA SER B 143 14.91 -4.76 41.18
C SER B 143 15.54 -6.11 41.58
N SER B 144 14.87 -7.24 41.31
CA SER B 144 15.42 -8.60 41.60
C SER B 144 16.74 -8.80 40.84
N GLY B 145 16.70 -8.86 39.51
CA GLY B 145 17.88 -9.05 38.65
C GLY B 145 17.94 -10.44 38.02
N THR B 146 16.83 -11.19 38.07
CA THR B 146 16.62 -12.46 37.31
C THR B 146 15.59 -12.22 36.18
N GLN B 147 15.00 -11.01 36.16
CA GLN B 147 14.00 -10.53 35.15
C GLN B 147 14.42 -9.14 34.64
N ALA B 148 14.07 -8.82 33.39
CA ALA B 148 14.27 -7.52 32.74
C ALA B 148 13.18 -7.25 31.68
N VAL B 149 13.03 -5.98 31.30
CA VAL B 149 11.99 -5.48 30.36
C VAL B 149 12.69 -4.72 29.21
N SER B 150 12.34 -5.06 27.96
CA SER B 150 12.84 -4.43 26.71
C SER B 150 11.74 -3.58 26.08
N GLY B 151 12.11 -2.51 25.37
CA GLY B 151 11.18 -1.67 24.58
C GLY B 151 11.67 -1.49 23.15
N SER B 152 10.96 -2.06 22.17
CA SER B 152 11.36 -2.07 20.74
C SER B 152 10.60 -1.02 19.92
N LYS B 153 11.07 -0.80 18.69
CA LYS B 153 10.43 0.10 17.68
C LYS B 153 9.22 -0.61 17.06
N ASP B 154 9.10 -1.93 17.29
CA ASP B 154 7.91 -2.74 16.91
C ASP B 154 6.74 -2.46 17.86
N ILE B 155 6.90 -1.54 18.82
CA ILE B 155 5.80 -0.96 19.66
C ILE B 155 5.57 -1.86 20.90
N CYS B 156 5.95 -3.13 20.81
CA CYS B 156 5.81 -4.11 21.92
C CYS B 156 6.82 -3.82 23.03
N ILE B 157 6.41 -4.10 24.28
CA ILE B 157 7.29 -4.24 25.48
C ILE B 157 7.22 -5.72 25.90
N LYS B 158 8.35 -6.30 26.31
CA LYS B 158 8.43 -7.73 26.74
C LYS B 158 9.11 -7.82 28.10
N VAL B 159 8.65 -8.77 28.92
CA VAL B 159 9.30 -9.14 30.21
C VAL B 159 10.07 -10.45 30.00
N TRP B 160 11.34 -10.43 30.43
CA TRP B 160 12.35 -11.48 30.15
C TRP B 160 12.69 -12.24 31.43
N ASP B 161 12.84 -13.56 31.34
CA ASP B 161 13.53 -14.38 32.37
C ASP B 161 14.98 -14.58 31.91
N LEU B 162 15.92 -13.89 32.57
CA LEU B 162 17.37 -13.91 32.24
C LEU B 162 17.93 -15.31 32.56
N ALA B 163 17.42 -15.95 33.60
CA ALA B 163 17.74 -17.35 33.98
C ALA B 163 17.32 -18.30 32.85
N GLN B 164 16.02 -18.47 32.60
CA GLN B 164 15.46 -19.46 31.64
C GLN B 164 15.73 -19.05 30.19
N GLN B 165 15.99 -17.76 29.94
CA GLN B 165 16.26 -17.16 28.59
C GLN B 165 15.04 -17.33 27.68
N VAL B 166 13.87 -16.86 28.12
CA VAL B 166 12.62 -16.85 27.29
C VAL B 166 11.84 -15.58 27.66
N VAL B 167 10.84 -15.24 26.83
CA VAL B 167 9.88 -14.12 27.07
C VAL B 167 8.74 -14.66 27.95
N LEU B 168 8.51 -14.05 29.12
CA LEU B 168 7.38 -14.42 30.01
C LEU B 168 6.09 -13.75 29.48
N SER B 169 6.08 -12.42 29.39
CA SER B 169 4.95 -11.58 28.89
C SER B 169 5.35 -10.86 27.59
N SER B 170 4.38 -10.63 26.70
CA SER B 170 4.49 -9.75 25.51
C SER B 170 3.33 -8.74 25.48
N TYR B 171 3.61 -7.47 25.79
CA TYR B 171 2.59 -6.41 25.94
C TYR B 171 2.69 -5.40 24.78
N ARG B 172 1.66 -5.33 23.94
CA ARG B 172 1.51 -4.26 22.92
C ARG B 172 0.59 -3.17 23.48
N ALA B 173 1.08 -2.37 24.42
CA ALA B 173 0.29 -1.34 25.11
C ALA B 173 0.21 -0.07 24.25
N HIS B 174 1.27 0.22 23.50
CA HIS B 174 1.49 1.51 22.79
C HIS B 174 0.99 1.46 21.35
N ALA B 175 0.97 2.63 20.71
CA ALA B 175 0.51 2.86 19.33
C ALA B 175 1.68 3.28 18.44
N ALA B 176 2.87 3.48 19.01
CA ALA B 176 4.07 3.95 18.29
C ALA B 176 5.32 3.24 18.83
N GLN B 177 6.48 3.48 18.23
CA GLN B 177 7.78 2.90 18.66
C GLN B 177 8.03 3.33 20.10
N VAL B 178 8.51 2.38 20.92
CA VAL B 178 8.72 2.58 22.39
C VAL B 178 10.08 3.25 22.58
N THR B 179 10.08 4.44 23.18
CA THR B 179 11.26 5.33 23.31
C THR B 179 12.13 4.81 24.47
N CYS B 180 11.54 4.55 25.63
CA CYS B 180 12.26 4.31 26.92
C CYS B 180 11.43 3.40 27.84
N VAL B 181 12.05 2.36 28.42
CA VAL B 181 11.48 1.59 29.56
C VAL B 181 12.47 1.70 30.72
N ALA B 182 11.98 1.91 31.95
CA ALA B 182 12.79 2.05 33.18
C ALA B 182 12.11 1.28 34.33
N ALA B 183 12.77 0.21 34.81
CA ALA B 183 12.33 -0.64 35.94
C ALA B 183 12.17 0.22 37.20
N SER B 184 11.23 -0.13 38.08
CA SER B 184 11.16 0.42 39.45
C SER B 184 12.47 0.03 40.14
N PRO B 185 13.09 0.96 40.89
CA PRO B 185 14.29 0.64 41.64
C PRO B 185 14.10 -0.61 42.52
N HIS B 186 12.94 -0.73 43.19
CA HIS B 186 12.75 -1.63 44.36
C HIS B 186 11.67 -2.70 44.14
N LYS B 187 10.89 -2.63 43.05
CA LYS B 187 9.77 -3.59 42.80
C LYS B 187 9.94 -4.21 41.41
N ASP B 188 9.74 -5.53 41.31
CA ASP B 188 9.88 -6.33 40.06
C ASP B 188 8.67 -6.09 39.15
N SER B 189 7.48 -6.02 39.75
CA SER B 189 6.18 -5.95 39.03
C SER B 189 5.96 -4.55 38.47
N VAL B 190 6.72 -3.54 38.92
CA VAL B 190 6.48 -2.11 38.56
C VAL B 190 7.63 -1.59 37.69
N PHE B 191 7.29 -0.83 36.64
CA PHE B 191 8.22 -0.09 35.75
C PHE B 191 7.45 0.96 34.92
N LEU B 192 8.16 2.00 34.49
CA LEU B 192 7.63 3.00 33.53
C LEU B 192 7.98 2.57 32.11
N SER B 193 7.29 3.17 31.15
CA SER B 193 7.59 3.18 29.70
C SER B 193 6.98 4.45 29.10
N CYS B 194 7.60 4.96 28.04
CA CYS B 194 7.09 6.10 27.26
C CYS B 194 7.32 5.79 25.78
N SER B 195 6.59 6.48 24.91
CA SER B 195 6.49 6.12 23.47
C SER B 195 6.19 7.38 22.67
N GLU B 196 6.44 7.30 21.36
CA GLU B 196 6.18 8.35 20.37
C GLU B 196 4.66 8.55 20.24
N ASP B 197 3.86 7.70 20.88
CA ASP B 197 2.38 7.85 20.94
C ASP B 197 2.00 8.81 22.08
N ASN B 198 2.99 9.44 22.71
CA ASN B 198 2.81 10.52 23.72
C ASN B 198 2.38 9.96 25.09
N ARG B 199 2.16 8.65 25.21
CA ARG B 199 1.75 7.98 26.47
C ARG B 199 2.99 7.68 27.33
N ILE B 200 2.94 8.06 28.61
CA ILE B 200 3.80 7.52 29.70
C ILE B 200 2.97 6.50 30.46
N LEU B 201 3.38 5.22 30.46
CA LEU B 201 2.68 4.11 31.14
C LEU B 201 3.42 3.73 32.42
N LEU B 202 2.73 3.83 33.56
CA LEU B 202 3.11 3.14 34.82
C LEU B 202 2.60 1.69 34.71
N TRP B 203 3.49 0.73 34.88
CA TRP B 203 3.12 -0.71 34.80
C TRP B 203 3.01 -1.27 36.21
N ASP B 204 2.35 -2.43 36.33
CA ASP B 204 2.23 -3.25 37.57
C ASP B 204 1.70 -4.62 37.13
N THR B 205 2.60 -5.58 36.94
CA THR B 205 2.30 -6.91 36.33
C THR B 205 1.32 -7.69 37.22
N ARG B 206 0.98 -7.17 38.41
CA ARG B 206 0.05 -7.84 39.36
C ARG B 206 -1.41 -7.59 38.92
N CYS B 207 -1.73 -6.40 38.40
CA CYS B 207 -3.08 -6.05 37.87
C CYS B 207 -3.39 -6.90 36.64
N PRO B 208 -4.68 -7.16 36.32
CA PRO B 208 -5.04 -7.92 35.13
C PRO B 208 -4.91 -7.03 33.88
N LYS B 209 -5.14 -5.72 34.02
CA LYS B 209 -4.75 -4.67 33.04
C LYS B 209 -3.51 -3.94 33.56
N PRO B 210 -2.29 -4.46 33.27
CA PRO B 210 -1.08 -3.99 33.94
C PRO B 210 -0.81 -2.50 33.78
N ALA B 211 -0.86 -2.00 32.55
CA ALA B 211 -0.44 -0.63 32.19
C ALA B 211 -1.47 0.39 32.68
N SER B 212 -1.03 1.62 32.92
CA SER B 212 -1.86 2.76 33.40
C SER B 212 -1.23 4.09 32.95
N GLN B 213 -2.07 4.95 32.35
CA GLN B 213 -1.65 6.17 31.62
C GLN B 213 -1.66 7.36 32.58
N ILE B 214 -0.50 7.93 32.87
CA ILE B 214 -0.34 9.10 33.78
C ILE B 214 0.39 10.21 33.02
N GLY B 215 0.72 11.32 33.69
CA GLY B 215 1.41 12.47 33.10
C GLY B 215 0.59 13.75 33.24
N CYS B 216 1.07 14.86 32.67
CA CYS B 216 0.51 16.23 32.81
C CYS B 216 -0.94 16.29 32.30
N SER B 217 -1.61 17.43 32.53
CA SER B 217 -3.02 17.71 32.14
C SER B 217 -3.23 17.45 30.64
N ALA B 218 -2.73 18.35 29.79
CA ALA B 218 -2.92 18.33 28.31
C ALA B 218 -1.85 17.46 27.66
N PRO B 219 -2.03 17.05 26.38
CA PRO B 219 -0.97 16.39 25.62
C PRO B 219 0.23 17.33 25.35
N GLY B 220 1.24 17.32 26.23
CA GLY B 220 2.50 18.06 26.04
C GLY B 220 3.27 17.47 24.88
N TYR B 221 4.56 17.81 24.72
CA TYR B 221 5.47 17.22 23.71
C TYR B 221 5.81 15.78 24.12
N LEU B 222 6.39 14.99 23.21
CA LEU B 222 6.61 13.53 23.40
C LEU B 222 7.62 13.29 24.52
N PRO B 223 7.37 12.31 25.42
CA PRO B 223 8.40 11.81 26.32
C PRO B 223 9.53 11.07 25.60
N THR B 224 10.75 11.20 26.11
CA THR B 224 12.02 10.73 25.49
C THR B 224 12.86 9.91 26.49
N SER B 225 12.90 10.31 27.78
CA SER B 225 13.78 9.74 28.82
C SER B 225 13.07 9.68 30.18
N LEU B 226 13.24 8.55 30.90
CA LEU B 226 12.60 8.27 32.22
C LEU B 226 13.65 7.94 33.29
N ALA B 227 13.65 8.69 34.39
CA ALA B 227 14.42 8.38 35.61
C ALA B 227 13.48 8.31 36.82
N TRP B 228 13.44 7.14 37.48
CA TRP B 228 12.86 6.95 38.84
C TRP B 228 13.69 7.77 39.83
N HIS B 229 13.07 8.27 40.91
CA HIS B 229 13.77 8.89 42.07
C HIS B 229 14.31 7.76 42.96
N PRO B 230 15.56 7.85 43.46
CA PRO B 230 16.18 6.72 44.17
C PRO B 230 15.65 6.53 45.61
N GLN B 231 15.17 7.61 46.24
CA GLN B 231 14.71 7.61 47.67
C GLN B 231 13.31 8.22 47.78
N GLN B 232 12.43 7.90 46.83
CA GLN B 232 10.96 8.13 46.87
C GLN B 232 10.30 7.31 45.76
N SER B 233 10.17 5.99 45.90
CA SER B 233 9.73 5.08 44.79
C SER B 233 8.30 5.42 44.33
N GLU B 234 7.78 6.58 44.79
CA GLU B 234 6.46 7.15 44.43
C GLU B 234 6.59 8.18 43.30
N VAL B 235 7.77 8.80 43.11
CA VAL B 235 7.98 9.93 42.14
C VAL B 235 9.03 9.53 41.09
N PHE B 236 8.96 10.16 39.90
CA PHE B 236 9.92 10.03 38.79
C PHE B 236 10.04 11.35 38.03
N VAL B 237 11.03 11.44 37.12
CA VAL B 237 11.23 12.56 36.16
C VAL B 237 11.27 12.00 34.73
N PHE B 238 10.61 12.69 33.79
CA PHE B 238 10.66 12.41 32.32
C PHE B 238 11.16 13.67 31.61
N GLY B 239 12.00 13.48 30.59
CA GLY B 239 12.39 14.54 29.65
C GLY B 239 11.63 14.39 28.35
N ASP B 240 11.29 15.51 27.69
CA ASP B 240 10.53 15.51 26.40
C ASP B 240 11.50 15.79 25.25
N GLU B 241 10.98 15.76 24.02
CA GLU B 241 11.69 16.05 22.75
C GLU B 241 11.94 17.57 22.58
N ASN B 242 11.38 18.42 23.46
CA ASN B 242 11.46 19.90 23.37
C ASN B 242 12.41 20.45 24.44
N GLY B 243 13.21 19.58 25.06
CA GLY B 243 14.27 19.97 26.01
C GLY B 243 13.71 20.46 27.35
N THR B 244 12.58 19.91 27.79
CA THR B 244 11.96 20.19 29.12
C THR B 244 12.04 18.93 29.98
N VAL B 245 12.60 19.05 31.19
CA VAL B 245 12.58 17.97 32.21
C VAL B 245 11.48 18.31 33.20
N SER B 246 10.70 17.29 33.60
CA SER B 246 9.48 17.42 34.42
C SER B 246 9.52 16.41 35.58
N LEU B 247 9.07 16.85 36.77
CA LEU B 247 9.00 16.04 38.02
C LEU B 247 7.55 15.64 38.30
N VAL B 248 7.30 14.35 38.49
CA VAL B 248 5.93 13.74 38.54
C VAL B 248 5.81 12.89 39.80
N ASP B 249 4.66 13.00 40.48
CA ASP B 249 4.25 12.20 41.66
C ASP B 249 3.16 11.21 41.20
N THR B 250 3.47 9.92 41.08
CA THR B 250 2.51 8.88 40.59
C THR B 250 1.25 8.93 41.46
N LYS B 251 1.44 8.69 42.76
CA LYS B 251 0.44 8.80 43.86
C LYS B 251 -0.52 9.98 43.58
N SER B 252 0.02 11.19 43.38
CA SER B 252 -0.73 12.47 43.21
C SER B 252 -1.02 12.76 41.73
N THR B 253 -0.47 11.95 40.81
CA THR B 253 -0.62 12.00 39.32
C THR B 253 -0.86 13.45 38.82
N SER B 254 0.02 14.38 39.20
CA SER B 254 -0.02 15.83 38.84
C SER B 254 1.42 16.36 38.68
N CYS B 255 1.68 17.14 37.62
CA CYS B 255 3.02 17.64 37.22
C CYS B 255 3.46 18.79 38.14
N VAL B 256 3.94 18.44 39.34
CA VAL B 256 4.36 19.40 40.40
C VAL B 256 5.25 20.50 39.78
N LEU B 257 6.26 20.14 39.00
CA LEU B 257 7.35 21.07 38.58
C LEU B 257 8.00 20.62 37.26
N SER B 258 8.43 21.58 36.44
CA SER B 258 9.23 21.40 35.19
C SER B 258 10.17 22.59 34.97
N SER B 259 11.18 22.42 34.11
CA SER B 259 12.14 23.48 33.68
C SER B 259 12.60 23.25 32.23
N ALA B 260 12.83 24.34 31.48
CA ALA B 260 13.42 24.36 30.13
C ALA B 260 14.95 24.30 30.25
N VAL B 261 15.48 23.07 30.34
CA VAL B 261 16.91 22.79 30.66
C VAL B 261 17.74 22.85 29.37
N HIS B 262 17.32 22.10 28.34
CA HIS B 262 18.01 21.93 27.04
C HIS B 262 17.21 22.63 25.92
N SER B 263 17.90 23.00 24.84
CA SER B 263 17.30 23.61 23.62
C SER B 263 16.73 22.49 22.74
N GLN B 264 17.19 21.26 22.92
CA GLN B 264 16.83 20.07 22.09
C GLN B 264 16.42 18.88 22.97
N CYS B 265 15.93 17.83 22.32
CA CYS B 265 15.44 16.55 22.90
C CYS B 265 16.32 16.10 24.07
N VAL B 266 15.70 15.58 25.13
CA VAL B 266 16.36 15.06 26.36
C VAL B 266 16.52 13.53 26.23
N THR B 267 17.73 13.05 25.94
CA THR B 267 17.98 11.67 25.46
C THR B 267 18.19 10.71 26.64
N GLY B 268 18.63 11.22 27.79
CA GLY B 268 18.86 10.39 28.99
C GLY B 268 18.79 11.22 30.25
N LEU B 269 18.40 10.59 31.36
CA LEU B 269 18.35 11.22 32.71
C LEU B 269 18.92 10.22 33.72
N VAL B 270 19.95 10.62 34.46
CA VAL B 270 20.54 9.78 35.53
C VAL B 270 20.59 10.61 36.82
N PHE B 271 20.13 9.99 37.92
CA PHE B 271 20.19 10.51 39.31
C PHE B 271 21.52 10.09 39.94
N SER B 272 22.14 11.00 40.70
CA SER B 272 23.42 10.76 41.43
C SER B 272 23.17 9.79 42.59
N PRO B 273 24.19 8.99 43.01
CA PRO B 273 24.03 8.07 44.13
C PRO B 273 23.96 8.81 45.48
N HIS B 274 24.30 10.12 45.47
CA HIS B 274 24.29 11.08 46.62
C HIS B 274 23.08 10.87 47.55
N SER B 275 23.27 11.18 48.85
CA SER B 275 22.25 11.09 49.92
C SER B 275 21.01 11.92 49.53
N VAL B 276 21.18 13.19 49.18
CA VAL B 276 20.12 14.04 48.54
C VAL B 276 20.52 14.28 47.09
N PRO B 277 19.96 13.53 46.11
CA PRO B 277 20.60 13.35 44.80
C PRO B 277 20.51 14.53 43.81
N PHE B 278 21.50 14.59 42.93
CA PHE B 278 21.55 15.49 41.75
C PHE B 278 21.01 14.74 40.54
N LEU B 279 20.34 15.48 39.64
CA LEU B 279 19.83 14.96 38.36
C LEU B 279 20.74 15.43 37.22
N ALA B 280 21.29 14.48 36.46
CA ALA B 280 22.06 14.72 35.22
C ALA B 280 21.13 14.52 34.02
N SER B 281 20.98 15.58 33.19
CA SER B 281 20.17 15.59 31.94
C SER B 281 21.09 15.67 30.72
N LEU B 282 20.99 14.66 29.85
CA LEU B 282 21.71 14.54 28.56
C LEU B 282 20.79 15.11 27.46
N SER B 283 21.35 15.47 26.32
CA SER B 283 20.58 16.14 25.23
C SER B 283 21.25 15.95 23.87
N GLU B 284 20.50 16.26 22.81
CA GLU B 284 20.97 16.29 21.41
C GLU B 284 21.50 17.70 21.11
N ASP B 285 21.48 18.59 22.10
CA ASP B 285 22.11 19.94 22.01
C ASP B 285 23.57 19.85 22.47
N CYS B 286 24.06 18.63 22.74
CA CYS B 286 25.49 18.30 22.97
C CYS B 286 25.96 18.87 24.32
N SER B 287 25.05 18.96 25.29
CA SER B 287 25.30 19.56 26.61
C SER B 287 24.85 18.58 27.70
N LEU B 288 25.65 18.49 28.77
CA LEU B 288 25.27 17.93 30.09
C LEU B 288 24.88 19.08 31.01
N ALA B 289 23.75 18.95 31.71
CA ALA B 289 23.33 19.83 32.82
C ALA B 289 23.09 18.94 34.05
N VAL B 290 23.48 19.41 35.23
CA VAL B 290 23.20 18.72 36.53
C VAL B 290 22.30 19.66 37.35
N LEU B 291 21.24 19.11 37.93
CA LEU B 291 20.13 19.87 38.58
C LEU B 291 19.91 19.37 40.01
N ASP B 292 19.41 20.25 40.88
CA ASP B 292 19.05 19.95 42.29
C ASP B 292 17.67 19.27 42.31
N SER B 293 16.91 19.43 43.40
CA SER B 293 15.62 18.75 43.67
C SER B 293 14.43 19.63 43.24
N SER B 294 14.69 20.88 42.81
CA SER B 294 13.69 21.80 42.21
C SER B 294 14.08 22.15 40.76
N LEU B 295 14.99 21.35 40.17
CA LEU B 295 15.38 21.36 38.72
C LEU B 295 16.03 22.70 38.33
N SER B 296 16.62 23.43 39.29
CA SER B 296 17.47 24.61 39.00
C SER B 296 18.83 24.13 38.50
N GLU B 297 19.48 24.91 37.62
CA GLU B 297 20.75 24.56 36.93
C GLU B 297 21.92 24.82 37.87
N LEU B 298 22.81 23.83 38.04
CA LEU B 298 23.96 23.84 39.00
C LEU B 298 25.29 23.82 38.21
N PHE B 299 25.48 22.80 37.36
CA PHE B 299 26.64 22.64 36.44
C PHE B 299 26.13 22.60 34.99
N ARG B 300 27.03 22.80 34.02
CA ARG B 300 26.71 22.77 32.56
C ARG B 300 28.03 22.56 31.78
N SER B 301 28.08 21.55 30.92
CA SER B 301 29.31 21.10 30.22
C SER B 301 29.05 20.92 28.70
N GLN B 302 29.73 21.73 27.88
CA GLN B 302 29.64 21.71 26.39
C GLN B 302 30.93 21.08 25.82
N ALA B 303 31.64 20.32 26.67
CA ALA B 303 32.88 19.58 26.36
C ALA B 303 32.63 18.65 25.18
N HIS B 304 31.44 18.06 25.14
CA HIS B 304 30.96 17.29 23.97
C HIS B 304 30.67 18.25 22.82
N ARG B 305 31.01 17.83 21.59
CA ARG B 305 30.76 18.60 20.34
C ARG B 305 29.89 17.75 19.39
N ASP B 306 29.42 16.58 19.84
CA ASP B 306 28.33 15.77 19.21
C ASP B 306 27.31 15.39 20.30
N PHE B 307 26.30 14.57 19.97
CA PHE B 307 25.19 14.18 20.89
C PHE B 307 25.73 13.50 22.14
N VAL B 308 25.29 13.97 23.31
CA VAL B 308 25.53 13.33 24.64
C VAL B 308 24.54 12.17 24.78
N ARG B 309 25.04 10.95 24.97
CA ARG B 309 24.27 9.70 24.82
C ARG B 309 23.92 9.09 26.19
N ASP B 310 24.89 9.04 27.10
CA ASP B 310 24.76 8.37 28.42
C ASP B 310 25.45 9.20 29.52
N ALA B 311 25.32 8.77 30.77
CA ALA B 311 26.05 9.30 31.95
C ALA B 311 25.92 8.31 33.11
N THR B 312 27.04 7.96 33.78
CA THR B 312 27.03 7.27 35.09
C THR B 312 27.89 8.05 36.09
N TRP B 313 27.45 8.06 37.34
CA TRP B 313 28.17 8.68 38.49
C TRP B 313 29.16 7.67 39.07
N SER B 314 30.37 8.15 39.38
CA SER B 314 31.47 7.38 40.03
C SER B 314 31.03 6.91 41.42
N PRO B 315 30.95 5.59 41.67
CA PRO B 315 30.49 5.06 42.96
C PRO B 315 31.54 5.29 44.07
N LEU B 316 32.77 5.62 43.65
CA LEU B 316 33.98 5.81 44.50
C LEU B 316 34.09 7.29 44.90
N ASN B 317 34.00 8.21 43.94
CA ASN B 317 33.92 9.69 44.18
C ASN B 317 32.57 10.18 43.65
N HIS B 318 31.64 10.51 44.56
CA HIS B 318 30.25 10.92 44.24
C HIS B 318 30.22 12.36 43.67
N SER B 319 31.36 12.99 43.41
CA SER B 319 31.45 14.30 42.73
C SER B 319 32.03 14.15 41.31
N LEU B 320 32.40 12.93 40.91
CA LEU B 320 32.83 12.59 39.53
C LEU B 320 31.62 12.02 38.78
N LEU B 321 31.44 12.43 37.52
CA LEU B 321 30.37 11.99 36.60
C LEU B 321 30.98 11.77 35.20
N THR B 322 30.78 10.59 34.62
CA THR B 322 31.42 10.15 33.34
C THR B 322 30.37 10.11 32.23
N THR B 323 30.43 11.07 31.28
CA THR B 323 29.56 11.14 30.07
C THR B 323 30.32 10.61 28.85
N VAL B 324 29.59 9.97 27.93
CA VAL B 324 30.08 9.65 26.57
C VAL B 324 29.17 10.35 25.54
N GLY B 325 29.62 10.43 24.28
CA GLY B 325 28.91 11.11 23.18
C GLY B 325 29.16 10.41 21.86
N TRP B 326 28.66 11.01 20.77
CA TRP B 326 28.87 10.49 19.39
C TRP B 326 30.17 11.07 18.82
N ASP B 327 30.78 12.03 19.54
CA ASP B 327 32.13 12.58 19.25
C ASP B 327 33.23 11.69 19.86
N HIS B 328 32.93 10.42 20.18
CA HIS B 328 33.90 9.39 20.64
C HIS B 328 34.65 9.80 21.91
N GLN B 329 34.33 10.96 22.51
CA GLN B 329 34.93 11.47 23.76
C GLN B 329 34.36 10.71 24.96
N VAL B 330 35.19 10.50 25.99
CA VAL B 330 34.82 9.99 27.34
C VAL B 330 35.25 11.05 28.36
N VAL B 331 34.38 12.01 28.69
CA VAL B 331 34.71 13.14 29.61
C VAL B 331 34.33 12.75 31.04
N HIS B 332 35.22 13.07 32.00
CA HIS B 332 35.01 12.96 33.47
C HIS B 332 34.85 14.35 34.07
N HIS B 333 33.68 14.66 34.64
CA HIS B 333 33.30 16.00 35.16
C HIS B 333 33.43 16.01 36.69
N VAL B 334 33.85 17.16 37.24
CA VAL B 334 33.88 17.43 38.71
C VAL B 334 32.68 18.30 39.03
N VAL B 335 31.78 17.79 39.89
CA VAL B 335 30.45 18.41 40.19
C VAL B 335 30.54 19.08 41.55
N PRO B 336 30.43 20.43 41.62
CA PRO B 336 30.35 21.13 42.91
C PRO B 336 29.04 20.84 43.67
#